data_6THQ
#
_entry.id   6THQ
#
_cell.length_a   93.460
_cell.length_b   93.460
_cell.length_c   213.170
_cell.angle_alpha   90.000
_cell.angle_beta   90.000
_cell.angle_gamma   120.000
#
_symmetry.space_group_name_H-M   'P 32 1 2'
#
loop_
_entity.id
_entity.type
_entity.pdbx_description
1 polymer 'Branched-chain-amino-acid aminotransferase'
2 non-polymer "PYRIDOXAL-5'-PHOSPHATE"
3 non-polymer '2-[O-PHOSPHONOPYRIDOXYL]-AMINO-PENTANOIC ACID'
4 water water
#
_entity_poly.entity_id   1
_entity_poly.type   'polypeptide(L)'
_entity_poly.pdbx_seq_one_letter_code
;MRGSHHHHHHGSMKVWLDGRLVDEEEAKVTVLSPSLNYGFGVFEGIRAYWNGENLYVFRLRDHMERLLRSAKIIGLDVPY
TAEELSKAVVETVRANGFKEDLYIRPVAYISKPQISLDVRGLQASVAIAAIPFGKYLKVEGVRAAVVSWRRVHTSMMPVM
AKATGIYLNSIMAAVEARARGYDEAIMLNAEGKVVEGSGENIFIVRRGVLMTPPLEDGILEGITRETVISIAGDLGIPLL
EKSITREELYAADEAFFVGTAAEITPIIEIDGRVLQRGPITQKIAETYRRIVLGKEEKYLPWLTPVY
;
_entity_poly.pdbx_strand_id   A,B,C
#
loop_
_chem_comp.id
_chem_comp.type
_chem_comp.name
_chem_comp.formula
PLP non-polymer PYRIDOXAL-5'-PHOSPHATE 'C8 H10 N O6 P'
PY5 non-polymer '2-[O-PHOSPHONOPYRIDOXYL]-AMINO-PENTANOIC ACID' 'C13 H21 N2 O7 P'
#
# COMPACT_ATOMS: atom_id res chain seq x y z
N GLY A 11 11.92 -25.84 -41.67
CA GLY A 11 11.11 -25.82 -40.38
C GLY A 11 9.56 -25.73 -40.40
N SER A 12 8.87 -26.87 -40.18
CA SER A 12 7.40 -26.95 -39.96
C SER A 12 7.03 -28.16 -39.08
N MET A 13 6.58 -27.91 -37.85
CA MET A 13 6.34 -28.98 -36.90
C MET A 13 4.91 -29.57 -36.98
N LYS A 14 4.72 -30.80 -36.53
CA LYS A 14 3.40 -31.41 -36.49
C LYS A 14 2.62 -31.03 -35.17
N VAL A 15 1.29 -31.10 -35.21
CA VAL A 15 0.42 -30.60 -34.15
C VAL A 15 -0.73 -31.58 -34.06
N TRP A 16 -1.00 -32.10 -32.87
CA TRP A 16 -2.18 -32.96 -32.69
C TRP A 16 -3.49 -32.13 -32.68
N LEU A 17 -4.52 -32.66 -33.30
CA LEU A 17 -5.76 -31.97 -33.43
C LEU A 17 -6.84 -33.01 -33.62
N ASP A 18 -7.65 -33.20 -32.58
CA ASP A 18 -8.73 -34.17 -32.58
C ASP A 18 -8.34 -35.57 -33.12
N GLY A 19 -7.27 -36.14 -32.59
CA GLY A 19 -6.85 -37.50 -32.99
C GLY A 19 -5.86 -37.61 -34.16
N ARG A 20 -5.55 -36.50 -34.80
CA ARG A 20 -4.84 -36.52 -36.05
C ARG A 20 -3.62 -35.57 -35.97
N LEU A 21 -2.46 -36.02 -36.45
CA LEU A 21 -1.30 -35.14 -36.56
C LEU A 21 -1.35 -34.34 -37.89
N VAL A 22 -1.28 -32.99 -37.83
CA VAL A 22 -1.41 -32.12 -39.02
C VAL A 22 -0.25 -31.11 -39.00
N ASP A 23 0.04 -30.43 -40.10
CA ASP A 23 1.08 -29.37 -40.00
C ASP A 23 0.51 -28.16 -39.25
N GLU A 24 1.37 -27.45 -38.53
CA GLU A 24 1.01 -26.24 -37.77
C GLU A 24 0.08 -25.29 -38.58
N GLU A 25 0.49 -25.06 -39.82
CA GLU A 25 -0.23 -24.30 -40.82
C GLU A 25 -1.68 -24.82 -41.05
N GLU A 26 -1.98 -26.10 -40.79
CA GLU A 26 -3.39 -26.62 -40.92
C GLU A 26 -4.18 -26.68 -39.60
N ALA A 27 -3.58 -26.23 -38.50
CA ALA A 27 -4.19 -26.27 -37.14
C ALA A 27 -4.78 -24.88 -36.81
N LYS A 28 -5.98 -24.67 -37.34
CA LYS A 28 -6.62 -23.35 -37.44
C LYS A 28 -8.07 -23.53 -37.06
N VAL A 29 -8.67 -22.46 -36.54
CA VAL A 29 -10.11 -22.46 -36.12
C VAL A 29 -10.82 -21.27 -36.79
N THR A 30 -12.08 -21.49 -37.17
CA THR A 30 -12.89 -20.44 -37.78
C THR A 30 -12.90 -19.18 -36.86
N VAL A 31 -12.73 -18.01 -37.47
CA VAL A 31 -12.78 -16.76 -36.79
C VAL A 31 -14.17 -16.48 -36.23
N LEU A 32 -15.12 -17.36 -36.47
CA LEU A 32 -16.47 -17.15 -35.93
C LEU A 32 -16.70 -18.03 -34.74
N SER A 33 -15.64 -18.69 -34.25
CA SER A 33 -15.76 -19.56 -33.13
C SER A 33 -16.10 -18.76 -31.89
N PRO A 34 -17.08 -19.23 -31.11
CA PRO A 34 -17.36 -18.60 -29.82
C PRO A 34 -16.13 -18.69 -28.88
N SER A 35 -15.17 -19.59 -29.13
CA SER A 35 -13.94 -19.59 -28.36
C SER A 35 -13.09 -18.42 -28.74
N LEU A 36 -13.15 -18.01 -30.01
CA LEU A 36 -12.34 -16.87 -30.39
C LEU A 36 -13.08 -15.56 -30.02
N ASN A 37 -14.39 -15.58 -30.11
CA ASN A 37 -15.19 -14.34 -30.00
C ASN A 37 -15.48 -14.01 -28.53
N TYR A 38 -15.57 -15.04 -27.67
CA TYR A 38 -16.11 -14.89 -26.32
C TYR A 38 -15.22 -15.48 -25.21
N GLY A 39 -13.96 -15.86 -25.50
CA GLY A 39 -12.99 -16.32 -24.50
C GLY A 39 -13.42 -17.60 -23.89
N PHE A 40 -14.15 -18.43 -24.64
CA PHE A 40 -14.70 -19.65 -24.04
C PHE A 40 -13.88 -20.88 -24.47
N GLY A 41 -12.75 -21.09 -23.80
CA GLY A 41 -11.98 -22.33 -23.87
C GLY A 41 -11.07 -22.55 -22.68
N VAL A 42 -10.30 -23.64 -22.68
CA VAL A 42 -9.35 -23.91 -21.58
C VAL A 42 -8.04 -24.32 -22.22
N PHE A 43 -6.93 -24.09 -21.55
CA PHE A 43 -5.64 -24.51 -22.04
C PHE A 43 -4.70 -25.03 -20.92
N GLU A 44 -3.50 -25.49 -21.28
CA GLU A 44 -2.52 -25.96 -20.34
C GLU A 44 -1.14 -25.51 -20.76
N GLY A 45 -0.19 -25.70 -19.85
CA GLY A 45 1.21 -25.40 -20.06
C GLY A 45 1.95 -26.60 -19.46
N ILE A 46 2.72 -27.35 -20.29
CA ILE A 46 3.41 -28.54 -19.85
C ILE A 46 4.81 -28.51 -20.36
N ARG A 47 5.78 -28.75 -19.48
CA ARG A 47 7.15 -28.74 -19.96
C ARG A 47 7.66 -30.19 -20.16
N ALA A 48 8.59 -30.35 -21.10
CA ALA A 48 9.32 -31.63 -21.23
C ALA A 48 10.77 -31.23 -21.13
N TYR A 49 11.53 -31.98 -20.33
CA TYR A 49 12.98 -31.64 -20.19
C TYR A 49 13.91 -32.75 -20.75
N TRP A 50 14.94 -32.31 -21.47
CA TRP A 50 15.94 -33.19 -22.06
C TRP A 50 17.05 -33.34 -21.02
N ASN A 51 17.30 -34.54 -20.49
CA ASN A 51 18.45 -34.71 -19.53
C ASN A 51 19.77 -35.26 -20.10
N GLY A 52 19.87 -35.37 -21.43
CA GLY A 52 21.00 -36.03 -22.10
C GLY A 52 20.73 -37.47 -22.53
N GLU A 53 19.83 -38.19 -21.85
CA GLU A 53 19.54 -39.60 -22.12
C GLU A 53 18.08 -39.81 -22.53
N ASN A 54 17.20 -38.90 -22.08
CA ASN A 54 15.81 -38.99 -22.49
C ASN A 54 15.08 -37.63 -22.38
N LEU A 55 13.87 -37.60 -22.95
CA LEU A 55 12.98 -36.47 -22.87
C LEU A 55 11.87 -36.81 -21.90
N TYR A 56 11.77 -36.04 -20.81
CA TYR A 56 10.70 -36.28 -19.78
C TYR A 56 9.69 -35.18 -19.69
N VAL A 57 8.43 -35.56 -19.87
CA VAL A 57 7.35 -34.65 -19.69
C VAL A 57 7.04 -34.63 -18.20
N PHE A 58 7.01 -33.42 -17.62
CA PHE A 58 6.79 -33.27 -16.18
C PHE A 58 5.32 -33.14 -15.79
N ARG A 59 4.91 -34.02 -14.92
CA ARG A 59 3.55 -34.14 -14.35
C ARG A 59 2.47 -34.06 -15.41
N LEU A 60 2.66 -34.82 -16.48
CA LEU A 60 1.76 -34.84 -17.63
C LEU A 60 0.31 -35.10 -17.22
N ARG A 61 0.09 -36.16 -16.49
CA ARG A 61 -1.23 -36.60 -16.10
C ARG A 61 -1.97 -35.52 -15.26
N ASP A 62 -1.25 -34.94 -14.30
CA ASP A 62 -1.74 -33.89 -13.47
C ASP A 62 -2.24 -32.72 -14.37
N HIS A 63 -1.43 -32.27 -15.33
CA HIS A 63 -1.86 -31.20 -16.23
C HIS A 63 -3.09 -31.59 -17.00
N MET A 64 -3.18 -32.82 -17.47
CA MET A 64 -4.36 -33.21 -18.27
C MET A 64 -5.63 -33.37 -17.41
N GLU A 65 -5.49 -33.83 -16.18
CA GLU A 65 -6.63 -33.83 -15.32
C GLU A 65 -7.10 -32.41 -14.97
N ARG A 66 -6.17 -31.44 -14.86
CA ARG A 66 -6.51 -30.06 -14.58
C ARG A 66 -7.23 -29.47 -15.80
N LEU A 67 -6.80 -29.85 -17.00
CA LEU A 67 -7.42 -29.38 -18.25
C LEU A 67 -8.87 -29.73 -18.18
N LEU A 68 -9.15 -30.95 -17.77
CA LEU A 68 -10.54 -31.40 -17.70
C LEU A 68 -11.27 -30.77 -16.53
N ARG A 69 -10.61 -30.50 -15.39
CA ARG A 69 -11.27 -29.77 -14.28
C ARG A 69 -11.65 -28.35 -14.73
N SER A 70 -10.71 -27.67 -15.43
CA SER A 70 -10.97 -26.38 -15.99
C SER A 70 -12.21 -26.46 -16.88
N ALA A 71 -12.29 -27.51 -17.71
CA ALA A 71 -13.39 -27.55 -18.68
C ALA A 71 -14.70 -27.79 -17.93
N LYS A 72 -14.67 -28.62 -16.90
CA LYS A 72 -15.86 -28.85 -16.13
C LYS A 72 -16.28 -27.53 -15.40
N ILE A 73 -15.30 -26.80 -14.87
CA ILE A 73 -15.58 -25.54 -14.20
C ILE A 73 -16.35 -24.55 -15.10
N ILE A 74 -15.93 -24.37 -16.35
CA ILE A 74 -16.52 -23.34 -17.21
C ILE A 74 -17.68 -23.89 -18.03
N GLY A 75 -17.96 -25.19 -17.93
CA GLY A 75 -19.05 -25.80 -18.71
C GLY A 75 -18.68 -26.20 -20.16
N LEU A 76 -17.40 -26.48 -20.44
CA LEU A 76 -16.98 -26.89 -21.74
C LEU A 76 -16.92 -28.42 -21.75
N ASP A 77 -17.50 -29.03 -22.78
CA ASP A 77 -17.46 -30.47 -22.89
C ASP A 77 -16.24 -30.95 -23.65
N VAL A 78 -15.27 -31.58 -22.94
CA VAL A 78 -14.07 -32.11 -23.61
C VAL A 78 -14.23 -33.62 -23.79
N PRO A 79 -14.37 -34.09 -25.05
CA PRO A 79 -14.71 -35.50 -25.26
C PRO A 79 -13.53 -36.49 -25.17
N TYR A 80 -12.42 -36.10 -24.54
CA TYR A 80 -11.25 -36.95 -24.34
C TYR A 80 -11.00 -37.16 -22.86
N THR A 81 -10.37 -38.29 -22.49
CA THR A 81 -10.03 -38.56 -21.10
C THR A 81 -8.61 -38.03 -20.84
N ALA A 82 -8.20 -38.00 -19.56
CA ALA A 82 -6.85 -37.49 -19.27
C ALA A 82 -5.79 -38.42 -19.83
N GLU A 83 -6.08 -39.74 -19.79
CA GLU A 83 -5.20 -40.76 -20.41
C GLU A 83 -4.98 -40.51 -21.92
N GLU A 84 -6.09 -40.42 -22.69
CA GLU A 84 -5.98 -40.07 -24.12
C GLU A 84 -5.13 -38.84 -24.38
N LEU A 85 -5.39 -37.79 -23.58
CA LEU A 85 -4.68 -36.53 -23.76
C LEU A 85 -3.20 -36.66 -23.49
N SER A 86 -2.90 -37.44 -22.45
CA SER A 86 -1.50 -37.74 -22.13
C SER A 86 -0.78 -38.47 -23.29
N LYS A 87 -1.42 -39.54 -23.80
CA LYS A 87 -0.88 -40.31 -24.94
C LYS A 87 -0.67 -39.35 -26.10
N ALA A 88 -1.70 -38.50 -26.34
CA ALA A 88 -1.60 -37.55 -27.46
C ALA A 88 -0.32 -36.71 -27.36
N VAL A 89 0.03 -36.31 -26.12
CA VAL A 89 1.19 -35.41 -25.97
C VAL A 89 2.43 -36.18 -26.41
N VAL A 90 2.55 -37.40 -25.86
CA VAL A 90 3.71 -38.23 -26.16
C VAL A 90 3.80 -38.44 -27.70
N GLU A 91 2.67 -38.87 -28.34
CA GLU A 91 2.67 -39.06 -29.80
C GLU A 91 3.11 -37.84 -30.50
N THR A 92 2.75 -36.67 -29.97
CA THR A 92 3.04 -35.43 -30.71
C THR A 92 4.50 -35.10 -30.57
N VAL A 93 5.06 -35.33 -29.39
CA VAL A 93 6.48 -35.01 -29.25
C VAL A 93 7.31 -35.98 -30.11
N ARG A 94 6.89 -37.25 -30.13
CA ARG A 94 7.58 -38.29 -30.95
C ARG A 94 7.60 -37.90 -32.43
N ALA A 95 6.38 -37.79 -32.99
CA ALA A 95 6.16 -37.40 -34.36
C ALA A 95 7.02 -36.21 -34.84
N ASN A 96 7.53 -35.38 -33.94
CA ASN A 96 8.37 -34.24 -34.30
C ASN A 96 9.86 -34.55 -34.12
N GLY A 97 10.13 -35.67 -33.44
CA GLY A 97 11.48 -36.06 -33.07
C GLY A 97 12.29 -35.04 -32.27
N PHE A 98 11.64 -34.29 -31.39
CA PHE A 98 12.38 -33.40 -30.47
C PHE A 98 13.28 -34.16 -29.48
N LYS A 99 14.45 -33.61 -29.24
CA LYS A 99 15.40 -34.13 -28.25
C LYS A 99 15.98 -32.90 -27.55
N GLU A 100 15.09 -32.08 -27.00
CA GLU A 100 15.42 -30.81 -26.36
C GLU A 100 14.21 -30.34 -25.51
N ASP A 101 14.46 -29.33 -24.69
CA ASP A 101 13.46 -28.71 -23.81
C ASP A 101 12.27 -28.15 -24.61
N LEU A 102 11.07 -28.55 -24.21
CA LEU A 102 9.82 -28.17 -24.84
C LEU A 102 8.88 -27.46 -23.85
N TYR A 103 8.10 -26.49 -24.37
CA TYR A 103 6.85 -26.08 -23.79
C TYR A 103 5.70 -26.62 -24.60
N ILE A 104 4.76 -27.29 -23.95
CA ILE A 104 3.64 -27.93 -24.64
C ILE A 104 2.35 -27.16 -24.32
N ARG A 105 1.64 -26.75 -25.37
CA ARG A 105 0.35 -26.11 -25.26
C ARG A 105 -0.83 -26.95 -25.74
N PRO A 106 -1.55 -27.61 -24.83
CA PRO A 106 -2.90 -28.10 -25.21
C PRO A 106 -3.91 -26.92 -25.13
N VAL A 107 -4.85 -26.83 -26.06
CA VAL A 107 -5.90 -25.86 -25.99
C VAL A 107 -7.19 -26.52 -26.44
N ALA A 108 -8.26 -26.36 -25.66
CA ALA A 108 -9.55 -26.96 -25.93
C ALA A 108 -10.54 -25.80 -26.26
N TYR A 109 -11.22 -25.89 -27.39
CA TYR A 109 -12.01 -24.82 -27.94
C TYR A 109 -13.12 -25.37 -28.79
N ILE A 110 -14.06 -24.50 -29.14
CA ILE A 110 -15.16 -24.88 -30.00
C ILE A 110 -14.82 -24.60 -31.47
N SER A 111 -14.90 -25.61 -32.33
CA SER A 111 -14.46 -25.40 -33.73
C SER A 111 -15.57 -25.04 -34.68
N LYS A 112 -16.83 -25.22 -34.24
CA LYS A 112 -18.04 -24.74 -34.94
C LYS A 112 -18.16 -23.18 -34.94
N PRO A 113 -18.49 -22.55 -36.09
CA PRO A 113 -18.79 -21.08 -35.98
C PRO A 113 -20.11 -20.81 -35.26
N GLN A 114 -20.18 -19.84 -34.35
CA GLN A 114 -21.44 -19.60 -33.58
C GLN A 114 -21.41 -18.26 -32.90
N ILE A 115 -22.36 -17.43 -33.27
CA ILE A 115 -22.62 -16.10 -32.74
C ILE A 115 -23.30 -16.19 -31.38
N SER A 116 -24.19 -17.17 -31.21
CA SER A 116 -25.00 -17.30 -29.95
C SER A 116 -24.12 -17.58 -28.71
N LEU A 117 -24.46 -16.97 -27.59
CA LEU A 117 -23.74 -17.20 -26.36
C LEU A 117 -24.15 -18.49 -25.74
N ASP A 118 -25.20 -19.10 -26.27
CA ASP A 118 -25.69 -20.34 -25.71
C ASP A 118 -24.79 -21.49 -26.16
N VAL A 119 -23.78 -21.79 -25.35
CA VAL A 119 -22.81 -22.79 -25.78
C VAL A 119 -23.08 -24.20 -25.28
N ARG A 120 -24.23 -24.37 -24.63
CA ARG A 120 -24.67 -25.69 -24.16
C ARG A 120 -24.69 -26.71 -25.30
N GLY A 121 -24.26 -27.95 -24.98
CA GLY A 121 -24.26 -29.08 -25.91
C GLY A 121 -23.13 -29.12 -26.94
N LEU A 122 -22.26 -28.11 -26.96
CA LEU A 122 -21.14 -28.11 -27.89
C LEU A 122 -20.05 -29.06 -27.46
N GLN A 123 -19.25 -29.44 -28.41
CA GLN A 123 -18.23 -30.42 -28.17
C GLN A 123 -16.90 -29.76 -28.43
N ALA A 124 -15.97 -29.75 -27.46
CA ALA A 124 -14.71 -29.09 -27.71
C ALA A 124 -13.83 -29.95 -28.64
N SER A 125 -12.99 -29.29 -29.41
CA SER A 125 -11.87 -29.90 -30.01
C SER A 125 -10.65 -29.63 -29.14
N VAL A 126 -9.61 -30.45 -29.28
CA VAL A 126 -8.37 -30.15 -28.59
C VAL A 126 -7.22 -30.11 -29.57
N ALA A 127 -6.33 -29.15 -29.43
CA ALA A 127 -5.11 -29.14 -30.23
C ALA A 127 -3.96 -29.20 -29.26
N ILE A 128 -2.86 -29.82 -29.67
CA ILE A 128 -1.67 -29.90 -28.84
C ILE A 128 -0.45 -29.57 -29.69
N ALA A 129 0.28 -28.55 -29.29
CA ALA A 129 1.50 -28.17 -29.97
C ALA A 129 2.69 -28.28 -29.04
N ALA A 130 3.87 -28.58 -29.59
CA ALA A 130 5.05 -28.65 -28.74
C ALA A 130 6.08 -27.76 -29.29
N ILE A 131 6.70 -26.96 -28.45
CA ILE A 131 7.54 -25.98 -29.01
C ILE A 131 8.85 -25.88 -28.23
N PRO A 132 9.97 -25.80 -28.93
CA PRO A 132 11.25 -25.56 -28.29
C PRO A 132 11.18 -24.35 -27.37
N PHE A 133 11.71 -24.48 -26.17
CA PHE A 133 11.55 -23.41 -25.21
C PHE A 133 12.67 -23.44 -24.21
N GLY A 134 13.36 -22.33 -24.00
CA GLY A 134 14.39 -22.27 -22.97
C GLY A 134 13.83 -21.56 -21.71
N LYS A 135 14.53 -20.56 -21.16
CA LYS A 135 14.09 -19.83 -19.97
C LYS A 135 13.07 -18.70 -20.28
N TYR A 136 12.06 -18.52 -19.41
CA TYR A 136 11.04 -17.44 -19.54
C TYR A 136 11.38 -16.16 -18.78
N LEU A 137 12.03 -16.31 -17.63
CA LEU A 137 12.39 -15.17 -16.78
C LEU A 137 13.88 -15.32 -16.49
N LYS A 138 14.59 -14.20 -16.22
CA LYS A 138 16.02 -14.24 -15.93
C LYS A 138 16.30 -15.13 -14.72
N VAL A 139 17.07 -16.19 -14.95
CA VAL A 139 17.40 -17.17 -13.90
C VAL A 139 18.04 -16.56 -12.62
N GLU A 140 18.81 -15.46 -12.80
CA GLU A 140 19.41 -14.67 -11.67
C GLU A 140 18.40 -13.84 -10.82
N GLY A 141 17.19 -13.62 -11.39
CA GLY A 141 16.14 -12.92 -10.67
C GLY A 141 15.53 -11.82 -11.45
N VAL A 142 14.28 -11.52 -11.16
CA VAL A 142 13.55 -10.57 -11.96
C VAL A 142 13.17 -9.39 -11.08
N ARG A 143 12.90 -8.26 -11.73
CA ARG A 143 12.32 -7.07 -11.08
C ARG A 143 10.78 -7.06 -11.36
N ALA A 144 10.01 -6.85 -10.31
CA ALA A 144 8.57 -7.00 -10.38
C ALA A 144 7.94 -5.72 -9.91
N ALA A 145 6.73 -5.43 -10.43
CA ALA A 145 5.96 -4.25 -9.99
C ALA A 145 4.57 -4.70 -9.63
N VAL A 146 4.06 -4.20 -8.51
CA VAL A 146 2.64 -4.39 -8.23
C VAL A 146 1.91 -3.49 -9.26
N VAL A 147 0.99 -4.04 -10.06
CA VAL A 147 0.31 -3.32 -11.11
C VAL A 147 -1.01 -2.71 -10.67
N SER A 148 -1.56 -1.79 -11.46
CA SER A 148 -2.85 -1.16 -11.16
C SER A 148 -4.06 -2.12 -11.36
N TRP A 149 -3.90 -3.09 -12.26
CA TRP A 149 -4.97 -4.06 -12.55
C TRP A 149 -5.07 -5.06 -11.43
N ARG A 150 -6.29 -5.27 -10.93
CA ARG A 150 -6.56 -6.30 -9.94
C ARG A 150 -6.81 -7.63 -10.59
N ARG A 151 -6.42 -8.72 -9.91
CA ARG A 151 -6.74 -10.01 -10.42
C ARG A 151 -8.26 -10.19 -10.52
N VAL A 152 -8.75 -10.84 -11.57
CA VAL A 152 -10.18 -10.98 -11.69
C VAL A 152 -10.72 -11.81 -10.58
N HIS A 153 -11.95 -11.55 -10.20
CA HIS A 153 -12.52 -12.12 -8.98
C HIS A 153 -13.44 -13.27 -9.26
N THR A 154 -13.45 -14.20 -8.32
CA THR A 154 -14.18 -15.48 -8.41
C THR A 154 -15.70 -15.27 -8.62
N SER A 155 -16.23 -14.18 -8.10
CA SER A 155 -17.68 -13.94 -8.21
C SER A 155 -18.06 -13.51 -9.60
N MET A 156 -17.05 -13.22 -10.43
CA MET A 156 -17.24 -12.77 -11.82
C MET A 156 -16.74 -13.75 -12.88
N MET A 157 -15.60 -14.38 -12.65
CA MET A 157 -15.06 -15.34 -13.58
C MET A 157 -14.38 -16.42 -12.78
N PRO A 158 -14.34 -17.63 -13.28
CA PRO A 158 -13.79 -18.74 -12.47
C PRO A 158 -12.27 -18.80 -12.52
N VAL A 159 -11.56 -17.95 -11.75
CA VAL A 159 -10.13 -17.73 -11.93
C VAL A 159 -9.34 -18.97 -11.59
N MET A 160 -9.89 -19.89 -10.80
CA MET A 160 -9.15 -21.12 -10.48
C MET A 160 -8.93 -21.98 -11.81
N ALA A 161 -9.83 -21.85 -12.81
CA ALA A 161 -9.64 -22.54 -14.05
C ALA A 161 -8.61 -21.86 -14.99
N LYS A 162 -7.90 -22.65 -15.79
CA LYS A 162 -6.99 -22.05 -16.78
C LYS A 162 -7.83 -21.84 -18.01
N ALA A 163 -8.69 -20.82 -17.93
CA ALA A 163 -9.71 -20.56 -18.97
C ALA A 163 -9.23 -19.40 -19.81
N THR A 164 -9.39 -19.50 -21.12
CA THR A 164 -8.77 -18.54 -22.02
C THR A 164 -9.20 -17.10 -21.80
N GLY A 165 -10.49 -16.85 -21.69
CA GLY A 165 -10.96 -15.46 -21.65
C GLY A 165 -10.44 -14.74 -20.41
N ILE A 166 -10.19 -15.44 -19.29
CA ILE A 166 -9.61 -14.86 -18.09
C ILE A 166 -8.28 -14.18 -18.32
N TYR A 167 -7.51 -14.68 -19.26
CA TYR A 167 -6.15 -14.16 -19.49
C TYR A 167 -6.00 -12.79 -20.08
N LEU A 168 -7.10 -12.17 -20.50
CA LEU A 168 -7.06 -10.75 -20.85
C LEU A 168 -6.60 -9.95 -19.62
N ASN A 169 -7.05 -10.40 -18.44
CA ASN A 169 -6.60 -9.87 -17.14
C ASN A 169 -5.06 -10.01 -17.00
N SER A 170 -4.48 -11.18 -17.35
CA SER A 170 -3.04 -11.36 -17.23
C SER A 170 -2.30 -10.55 -18.25
N ILE A 171 -2.89 -10.44 -19.43
CA ILE A 171 -2.32 -9.54 -20.43
C ILE A 171 -2.22 -8.09 -19.97
N MET A 172 -3.30 -7.52 -19.44
CA MET A 172 -3.24 -6.11 -19.00
C MET A 172 -2.09 -6.01 -17.96
N ALA A 173 -2.02 -6.96 -17.02
CA ALA A 173 -1.01 -6.91 -15.98
C ALA A 173 0.41 -6.99 -16.56
N ALA A 174 0.63 -7.97 -17.42
CA ALA A 174 1.98 -8.25 -17.98
C ALA A 174 2.46 -7.07 -18.83
N VAL A 175 1.56 -6.54 -19.67
CA VAL A 175 1.90 -5.40 -20.49
C VAL A 175 2.22 -4.20 -19.63
N GLU A 176 1.41 -3.93 -18.64
CA GLU A 176 1.71 -2.78 -17.80
C GLU A 176 3.10 -2.87 -17.15
N ALA A 177 3.46 -4.04 -16.60
CA ALA A 177 4.77 -4.09 -15.95
C ALA A 177 5.90 -3.94 -16.95
N ARG A 178 5.79 -4.65 -18.07
CA ARG A 178 6.83 -4.65 -19.12
C ARG A 178 7.00 -3.22 -19.71
N ALA A 179 5.90 -2.53 -19.98
CA ALA A 179 5.98 -1.17 -20.54
C ALA A 179 6.74 -0.26 -19.60
N ARG A 180 6.62 -0.48 -18.30
CA ARG A 180 7.22 0.42 -17.31
C ARG A 180 8.69 -0.02 -17.04
N GLY A 181 9.26 -0.92 -17.87
CA GLY A 181 10.63 -1.41 -17.71
C GLY A 181 10.88 -2.69 -16.83
N TYR A 182 9.86 -3.26 -16.18
CA TYR A 182 10.06 -4.42 -15.30
C TYR A 182 9.91 -5.76 -16.02
N ASP A 183 10.30 -6.85 -15.36
CA ASP A 183 10.22 -8.18 -15.97
C ASP A 183 8.85 -8.83 -15.83
N GLU A 184 8.17 -8.50 -14.74
CA GLU A 184 6.94 -9.16 -14.40
C GLU A 184 6.03 -8.34 -13.45
N ALA A 185 4.75 -8.64 -13.55
CA ALA A 185 3.72 -7.99 -12.79
C ALA A 185 3.40 -8.80 -11.57
N ILE A 186 3.08 -8.13 -10.46
CA ILE A 186 2.37 -8.81 -9.41
C ILE A 186 0.98 -8.20 -9.29
N MET A 187 -0.02 -9.05 -9.20
CA MET A 187 -1.39 -8.60 -8.97
C MET A 187 -1.92 -8.79 -7.58
N LEU A 188 -2.68 -7.80 -7.15
CA LEU A 188 -3.48 -7.93 -5.90
C LEU A 188 -4.83 -8.44 -6.24
N ASN A 189 -5.48 -9.14 -5.32
CA ASN A 189 -6.89 -9.45 -5.49
C ASN A 189 -7.81 -8.32 -5.04
N ALA A 190 -9.12 -8.58 -5.14
CA ALA A 190 -10.11 -7.54 -4.82
C ALA A 190 -9.96 -7.06 -3.40
N GLU A 191 -9.39 -7.87 -2.49
CA GLU A 191 -9.35 -7.54 -1.08
C GLU A 191 -7.95 -6.95 -0.79
N GLY A 192 -7.14 -6.71 -1.83
CA GLY A 192 -5.84 -6.08 -1.63
C GLY A 192 -4.72 -7.04 -1.26
N LYS A 193 -4.97 -8.34 -1.29
CA LYS A 193 -3.90 -9.31 -0.94
C LYS A 193 -3.04 -9.63 -2.21
N VAL A 194 -1.72 -9.77 -2.04
CA VAL A 194 -0.83 -10.22 -3.09
C VAL A 194 -1.25 -11.63 -3.52
N VAL A 195 -1.59 -11.85 -4.78
CA VAL A 195 -1.97 -13.21 -5.15
C VAL A 195 -1.16 -13.93 -6.23
N GLU A 196 -0.65 -13.24 -7.25
CA GLU A 196 -0.20 -13.96 -8.44
C GLU A 196 0.60 -13.04 -9.34
N GLY A 197 1.54 -13.58 -10.10
CA GLY A 197 2.13 -12.85 -11.18
C GLY A 197 1.17 -12.99 -12.34
N SER A 198 1.45 -12.32 -13.44
CA SER A 198 0.64 -12.52 -14.65
C SER A 198 0.62 -13.96 -15.11
N GLY A 199 1.71 -14.68 -14.95
CA GLY A 199 1.69 -16.13 -15.26
C GLY A 199 2.45 -17.03 -14.31
N GLU A 200 2.41 -16.73 -13.01
CA GLU A 200 3.19 -17.41 -12.02
C GLU A 200 2.44 -17.40 -10.70
N ASN A 201 2.68 -18.39 -9.84
CA ASN A 201 2.28 -18.29 -8.46
C ASN A 201 3.40 -17.66 -7.72
N ILE A 202 3.12 -17.17 -6.52
CA ILE A 202 4.19 -16.45 -5.84
C ILE A 202 4.47 -17.02 -4.43
N PHE A 203 5.75 -17.04 -4.03
CA PHE A 203 6.14 -17.43 -2.69
C PHE A 203 6.97 -16.35 -2.03
N ILE A 204 6.83 -16.21 -0.72
CA ILE A 204 7.80 -15.40 -0.02
C ILE A 204 8.31 -16.22 1.17
N VAL A 205 9.43 -15.77 1.73
CA VAL A 205 10.00 -16.34 2.94
C VAL A 205 10.10 -15.23 3.96
N ARG A 206 9.49 -15.44 5.11
CA ARG A 206 9.50 -14.42 6.17
C ARG A 206 9.87 -15.17 7.50
N ARG A 207 11.00 -14.75 8.12
CA ARG A 207 11.54 -15.36 9.38
C ARG A 207 11.66 -16.87 9.18
N GLY A 208 12.35 -17.30 8.12
CA GLY A 208 12.48 -18.74 7.81
C GLY A 208 11.23 -19.57 7.51
N VAL A 209 10.03 -18.97 7.49
CA VAL A 209 8.77 -19.70 7.05
C VAL A 209 8.42 -19.36 5.57
N LEU A 210 8.15 -20.38 4.78
CA LEU A 210 7.74 -20.22 3.40
C LEU A 210 6.20 -20.00 3.37
N MET A 211 5.78 -18.93 2.70
CA MET A 211 4.37 -18.55 2.62
C MET A 211 3.94 -18.36 1.17
N THR A 212 2.78 -18.90 0.85
CA THR A 212 2.20 -18.67 -0.46
C THR A 212 0.67 -18.45 -0.27
N PRO A 213 0.06 -17.53 -1.03
CA PRO A 213 -1.36 -17.29 -0.90
C PRO A 213 -2.15 -18.62 -1.03
N PRO A 214 -3.22 -18.77 -0.25
CA PRO A 214 -4.08 -19.92 -0.36
C PRO A 214 -4.96 -19.92 -1.59
N LEU A 215 -5.47 -21.07 -2.00
CA LEU A 215 -6.32 -21.11 -3.19
C LEU A 215 -7.49 -20.15 -3.12
N GLU A 216 -8.14 -20.06 -1.95
CA GLU A 216 -9.31 -19.27 -1.80
C GLU A 216 -9.08 -17.74 -2.10
N ASP A 217 -7.83 -17.29 -2.15
CA ASP A 217 -7.56 -15.92 -2.49
C ASP A 217 -7.80 -15.56 -3.94
N GLY A 218 -8.05 -16.56 -4.74
CA GLY A 218 -8.46 -16.40 -6.12
C GLY A 218 -7.28 -16.49 -7.07
N ILE A 219 -6.64 -17.66 -7.06
CA ILE A 219 -5.44 -17.85 -7.86
C ILE A 219 -5.62 -19.15 -8.63
N LEU A 220 -4.77 -19.33 -9.65
CA LEU A 220 -4.66 -20.58 -10.37
C LEU A 220 -3.97 -21.63 -9.44
N GLU A 221 -4.54 -22.83 -9.36
CA GLU A 221 -3.99 -23.90 -8.54
C GLU A 221 -2.79 -24.52 -9.34
N GLY A 222 -1.63 -23.85 -9.27
CA GLY A 222 -0.49 -24.19 -10.12
C GLY A 222 0.09 -25.57 -9.75
N ILE A 223 0.56 -26.30 -10.75
CA ILE A 223 1.14 -27.60 -10.49
C ILE A 223 2.62 -27.38 -10.01
N THR A 224 3.28 -26.30 -10.41
CA THR A 224 4.56 -26.00 -9.85
C THR A 224 4.44 -25.64 -8.38
N ARG A 225 3.45 -24.82 -8.06
CA ARG A 225 3.11 -24.45 -6.69
C ARG A 225 3.01 -25.74 -5.85
N GLU A 226 2.24 -26.70 -6.33
CA GLU A 226 2.04 -27.94 -5.63
C GLU A 226 3.35 -28.71 -5.47
N THR A 227 4.13 -28.78 -6.56
CA THR A 227 5.45 -29.33 -6.52
C THR A 227 6.29 -28.71 -5.43
N VAL A 228 6.30 -27.37 -5.32
CA VAL A 228 7.15 -26.69 -4.32
C VAL A 228 6.63 -26.99 -2.89
N ILE A 229 5.33 -27.16 -2.73
CA ILE A 229 4.78 -27.52 -1.42
C ILE A 229 5.33 -28.91 -0.97
N SER A 230 5.35 -29.92 -1.86
CA SER A 230 5.96 -31.23 -1.57
C SER A 230 7.43 -31.09 -1.33
N ILE A 231 8.11 -30.28 -2.13
CA ILE A 231 9.53 -30.09 -1.94
C ILE A 231 9.81 -29.55 -0.56
N ALA A 232 9.06 -28.57 -0.14
CA ALA A 232 9.26 -28.02 1.19
C ALA A 232 9.04 -29.04 2.30
N GLY A 233 8.03 -29.91 2.14
CA GLY A 233 7.74 -31.07 3.01
C GLY A 233 8.99 -31.93 3.13
N ASP A 234 9.55 -32.36 2.00
CA ASP A 234 10.78 -33.19 1.98
C ASP A 234 11.94 -32.51 2.65
N LEU A 235 12.13 -31.22 2.40
CA LEU A 235 13.31 -30.51 2.90
C LEU A 235 13.14 -30.01 4.33
N GLY A 236 11.97 -30.28 4.93
CA GLY A 236 11.75 -29.78 6.27
C GLY A 236 11.59 -28.26 6.42
N ILE A 237 11.17 -27.56 5.36
CA ILE A 237 10.92 -26.11 5.41
C ILE A 237 9.45 -25.89 5.81
N PRO A 238 9.24 -25.21 6.96
CA PRO A 238 7.91 -24.89 7.42
C PRO A 238 7.20 -24.01 6.31
N LEU A 239 5.92 -24.29 6.02
CA LEU A 239 5.19 -23.75 4.91
C LEU A 239 3.79 -23.41 5.36
N LEU A 240 3.36 -22.19 5.07
CA LEU A 240 2.01 -21.76 5.33
C LEU A 240 1.33 -21.31 4.06
N GLU A 241 0.10 -21.79 3.87
CA GLU A 241 -0.77 -21.27 2.82
C GLU A 241 -1.57 -20.16 3.46
N LYS A 242 -1.07 -18.93 3.33
CA LYS A 242 -1.63 -17.84 4.12
C LYS A 242 -1.68 -16.58 3.20
N SER A 243 -2.69 -15.74 3.35
CA SER A 243 -2.71 -14.44 2.63
C SER A 243 -1.48 -13.57 2.88
N ILE A 244 -1.04 -12.86 1.85
CA ILE A 244 0.14 -12.03 1.91
C ILE A 244 -0.30 -10.62 1.52
N THR A 245 0.16 -9.64 2.25
CA THR A 245 -0.12 -8.26 1.93
C THR A 245 1.09 -7.68 1.25
N ARG A 246 0.87 -6.57 0.58
CA ARG A 246 1.98 -5.81 -0.02
C ARG A 246 3.14 -5.51 0.96
N GLU A 247 2.81 -5.08 2.17
CA GLU A 247 3.86 -4.77 3.16
C GLU A 247 4.76 -6.02 3.43
N GLU A 248 4.16 -7.21 3.49
CA GLU A 248 4.93 -8.42 3.78
C GLU A 248 5.87 -8.79 2.64
N LEU A 249 5.42 -8.48 1.42
CA LEU A 249 6.17 -8.67 0.25
C LEU A 249 7.35 -7.65 0.27
N TYR A 250 7.09 -6.40 0.55
CA TYR A 250 8.18 -5.41 0.65
C TYR A 250 9.26 -5.79 1.72
N ALA A 251 8.78 -6.39 2.78
CA ALA A 251 9.60 -6.74 3.94
C ALA A 251 10.05 -8.20 3.93
N ALA A 252 9.89 -8.92 2.81
CA ALA A 252 10.16 -10.35 2.83
C ALA A 252 11.64 -10.51 2.93
N ASP A 253 12.11 -11.61 3.54
CA ASP A 253 13.57 -11.95 3.49
C ASP A 253 13.88 -12.40 2.07
N GLU A 254 12.97 -13.18 1.43
CA GLU A 254 13.14 -13.55 0.01
C GLU A 254 11.78 -13.70 -0.66
N ALA A 255 11.75 -13.71 -1.99
CA ALA A 255 10.51 -13.96 -2.69
C ALA A 255 10.80 -14.60 -4.06
N PHE A 256 9.88 -15.40 -4.58
CA PHE A 256 10.16 -15.97 -5.88
C PHE A 256 8.87 -16.35 -6.58
N PHE A 257 8.94 -16.44 -7.90
CA PHE A 257 7.82 -16.85 -8.70
C PHE A 257 8.01 -18.29 -9.08
N VAL A 258 6.91 -19.01 -9.33
CA VAL A 258 6.95 -20.37 -9.81
C VAL A 258 5.89 -20.59 -10.85
N GLY A 259 6.17 -21.49 -11.77
CA GLY A 259 5.23 -21.80 -12.83
C GLY A 259 5.87 -22.71 -13.86
N THR A 260 5.05 -23.35 -14.69
CA THR A 260 5.59 -24.23 -15.67
C THR A 260 6.66 -23.55 -16.54
N ALA A 261 6.29 -22.47 -17.19
CA ALA A 261 7.21 -21.69 -18.01
C ALA A 261 8.26 -21.04 -17.16
N ALA A 262 7.83 -20.44 -16.02
CA ALA A 262 8.70 -19.64 -15.21
C ALA A 262 9.72 -20.47 -14.42
N GLU A 263 9.41 -21.74 -14.23
CA GLU A 263 10.21 -22.59 -13.32
C GLU A 263 10.26 -22.04 -11.88
N ILE A 264 11.44 -21.91 -11.31
CA ILE A 264 11.60 -21.27 -9.99
C ILE A 264 12.49 -20.08 -10.16
N THR A 265 11.96 -18.85 -10.09
CA THR A 265 12.68 -17.65 -10.37
C THR A 265 12.64 -16.67 -9.21
N PRO A 266 13.81 -16.27 -8.76
CA PRO A 266 13.85 -15.28 -7.67
C PRO A 266 13.34 -13.92 -8.10
N ILE A 267 12.79 -13.20 -7.13
CA ILE A 267 12.38 -11.84 -7.31
C ILE A 267 13.39 -10.99 -6.53
N ILE A 268 14.21 -10.22 -7.23
CA ILE A 268 15.26 -9.45 -6.55
C ILE A 268 14.91 -7.99 -6.36
N GLU A 269 13.75 -7.60 -6.90
CA GLU A 269 13.25 -6.25 -6.69
C GLU A 269 11.74 -6.20 -6.83
N ILE A 270 11.10 -5.51 -5.88
CA ILE A 270 9.69 -5.27 -5.97
C ILE A 270 9.40 -3.80 -5.70
N ASP A 271 8.83 -3.15 -6.71
CA ASP A 271 8.61 -1.66 -6.72
C ASP A 271 9.82 -0.88 -6.17
N GLY A 272 11.02 -1.18 -6.66
CA GLY A 272 12.22 -0.50 -6.20
C GLY A 272 12.79 -1.02 -4.88
N ARG A 273 12.06 -1.84 -4.14
CA ARG A 273 12.63 -2.41 -2.93
C ARG A 273 13.45 -3.70 -3.26
N VAL A 274 14.74 -3.67 -2.91
CA VAL A 274 15.68 -4.73 -3.24
C VAL A 274 15.46 -5.95 -2.32
N LEU A 275 15.48 -7.15 -2.90
CA LEU A 275 15.55 -8.35 -2.05
C LEU A 275 16.71 -9.20 -2.46
N GLN A 276 17.35 -9.85 -1.48
CA GLN A 276 18.46 -10.79 -1.75
C GLN A 276 17.97 -11.98 -2.65
N ARG A 277 18.79 -12.46 -3.57
CA ARG A 277 18.56 -13.80 -4.10
C ARG A 277 18.83 -14.78 -2.94
N GLY A 278 17.81 -15.35 -2.32
CA GLY A 278 17.98 -15.96 -1.01
C GLY A 278 18.28 -17.46 -0.96
N PRO A 279 18.60 -17.96 0.24
CA PRO A 279 19.01 -19.39 0.29
C PRO A 279 17.88 -20.38 0.05
N ILE A 280 16.67 -20.15 0.59
CA ILE A 280 15.55 -21.07 0.35
C ILE A 280 15.17 -21.13 -1.11
N THR A 281 15.06 -19.99 -1.75
CA THR A 281 14.84 -19.92 -3.22
C THR A 281 15.84 -20.77 -3.95
N GLN A 282 17.11 -20.50 -3.68
CA GLN A 282 18.17 -21.29 -4.31
C GLN A 282 18.02 -22.82 -4.10
N LYS A 283 17.83 -23.24 -2.85
CA LYS A 283 17.64 -24.67 -2.56
C LYS A 283 16.45 -25.24 -3.35
N ILE A 284 15.32 -24.51 -3.36
CA ILE A 284 14.15 -24.98 -4.07
C ILE A 284 14.39 -25.05 -5.60
N ALA A 285 15.07 -24.05 -6.15
CA ALA A 285 15.37 -24.03 -7.56
C ALA A 285 16.28 -25.23 -7.94
N GLU A 286 17.36 -25.43 -7.16
CA GLU A 286 18.29 -26.60 -7.34
C GLU A 286 17.56 -27.91 -7.22
N THR A 287 16.72 -28.07 -6.21
CA THR A 287 15.96 -29.33 -6.05
C THR A 287 15.01 -29.55 -7.25
N TYR A 288 14.30 -28.49 -7.65
CA TYR A 288 13.28 -28.62 -8.69
C TYR A 288 14.00 -29.05 -9.99
N ARG A 289 15.12 -28.40 -10.32
CA ARG A 289 15.95 -28.85 -11.48
C ARG A 289 16.34 -30.35 -11.40
N ARG A 290 16.81 -30.79 -10.23
CA ARG A 290 17.18 -32.22 -10.09
C ARG A 290 15.95 -33.04 -10.33
N ILE A 291 14.80 -32.64 -9.75
CA ILE A 291 13.59 -33.43 -9.96
C ILE A 291 13.26 -33.53 -11.45
N VAL A 292 13.29 -32.43 -12.17
CA VAL A 292 12.75 -32.47 -13.56
C VAL A 292 13.72 -33.16 -14.52
N LEU A 293 15.01 -33.15 -14.16
CA LEU A 293 16.02 -33.84 -14.97
C LEU A 293 16.14 -35.31 -14.62
N GLY A 294 15.27 -35.86 -13.77
CA GLY A 294 15.36 -37.30 -13.44
C GLY A 294 16.37 -37.82 -12.41
N LYS A 295 17.05 -36.92 -11.71
CA LYS A 295 18.07 -37.27 -10.70
C LYS A 295 17.53 -37.47 -9.28
N GLU A 296 16.23 -37.59 -9.09
CA GLU A 296 15.66 -37.80 -7.75
C GLU A 296 14.63 -38.87 -7.80
N GLU A 297 15.00 -40.03 -7.27
CA GLU A 297 14.32 -41.28 -7.50
C GLU A 297 12.89 -41.28 -7.02
N LYS A 298 12.76 -40.68 -5.82
CA LYS A 298 11.49 -40.49 -5.17
C LYS A 298 10.42 -39.87 -6.14
N TYR A 299 10.87 -39.02 -7.06
CA TYR A 299 9.95 -38.24 -7.95
C TYR A 299 9.75 -38.74 -9.35
N LEU A 300 10.45 -39.83 -9.70
CA LEU A 300 10.38 -40.36 -11.04
C LEU A 300 8.97 -40.63 -11.50
N PRO A 301 8.03 -40.99 -10.58
CA PRO A 301 6.60 -41.13 -11.05
C PRO A 301 6.00 -39.88 -11.71
N TRP A 302 6.63 -38.72 -11.52
CA TRP A 302 6.16 -37.48 -12.18
C TRP A 302 6.79 -37.26 -13.54
N LEU A 303 7.77 -38.09 -13.95
CA LEU A 303 8.38 -37.92 -15.29
C LEU A 303 7.87 -38.97 -16.26
N THR A 304 7.34 -38.53 -17.41
CA THR A 304 6.92 -39.45 -18.49
C THR A 304 7.98 -39.42 -19.56
N PRO A 305 8.64 -40.59 -19.80
CA PRO A 305 9.66 -40.67 -20.85
C PRO A 305 8.97 -40.61 -22.20
N VAL A 306 9.51 -39.81 -23.12
CA VAL A 306 8.96 -39.79 -24.49
C VAL A 306 9.45 -41.03 -25.30
N TYR A 307 10.72 -41.41 -25.16
CA TYR A 307 11.34 -42.49 -25.97
C TYR A 307 11.71 -43.80 -25.21
N HIS B 7 17.11 42.27 -8.26
CA HIS B 7 16.52 41.46 -7.17
C HIS B 7 16.49 39.94 -7.54
N HIS B 8 15.56 39.19 -6.91
CA HIS B 8 15.01 37.82 -7.30
C HIS B 8 15.72 36.42 -6.88
N HIS B 9 16.42 36.33 -5.72
CA HIS B 9 17.04 35.05 -5.15
C HIS B 9 17.22 34.94 -3.56
N HIS B 10 17.59 33.75 -3.03
CA HIS B 10 17.45 33.33 -1.55
C HIS B 10 18.38 33.89 -0.41
N GLY B 11 17.89 33.81 0.84
CA GLY B 11 18.65 34.19 2.07
C GLY B 11 17.85 34.66 3.31
N SER B 12 17.36 33.71 4.11
CA SER B 12 16.41 33.94 5.25
C SER B 12 15.10 34.78 5.05
N MET B 13 14.03 34.05 4.72
CA MET B 13 12.70 34.67 4.62
C MET B 13 11.94 34.71 5.97
N LYS B 14 10.97 35.58 6.11
CA LYS B 14 10.10 35.59 7.28
C LYS B 14 8.88 34.59 7.07
N VAL B 15 8.28 34.16 8.18
CA VAL B 15 7.26 33.14 8.21
C VAL B 15 6.31 33.52 9.33
N TRP B 16 5.01 33.59 9.04
CA TRP B 16 4.02 33.85 10.09
C TRP B 16 3.77 32.64 10.95
N LEU B 17 3.64 32.85 12.26
CA LEU B 17 3.50 31.75 13.19
C LEU B 17 2.81 32.28 14.42
N ASP B 18 1.55 31.92 14.58
CA ASP B 18 0.75 32.37 15.70
C ASP B 18 0.77 33.86 15.95
N GLY B 19 0.52 34.65 14.90
CA GLY B 19 0.40 36.13 15.05
C GLY B 19 1.70 36.90 14.87
N ARG B 20 2.80 36.19 14.66
CA ARG B 20 4.11 36.79 14.78
C ARG B 20 4.95 36.41 13.57
N LEU B 21 5.66 37.35 12.97
CA LEU B 21 6.62 37.04 11.88
C LEU B 21 7.98 36.64 12.48
N VAL B 22 8.50 35.48 12.10
CA VAL B 22 9.73 34.92 12.67
C VAL B 22 10.64 34.50 11.52
N ASP B 23 11.93 34.29 11.77
CA ASP B 23 12.80 33.80 10.68
C ASP B 23 12.47 32.31 10.44
N GLU B 24 12.63 31.88 9.18
CA GLU B 24 12.37 30.48 8.76
C GLU B 24 13.02 29.48 9.73
N GLU B 25 14.27 29.77 10.10
CA GLU B 25 15.01 28.99 11.08
C GLU B 25 14.27 28.86 12.45
N GLU B 26 13.36 29.77 12.83
CA GLU B 26 12.56 29.62 14.08
C GLU B 26 11.19 29.01 13.92
N ALA B 27 10.80 28.69 12.67
CA ALA B 27 9.46 28.17 12.33
C ALA B 27 9.51 26.63 12.22
N LYS B 28 9.52 26.00 13.39
CA LYS B 28 9.91 24.60 13.62
C LYS B 28 8.95 24.11 14.68
N VAL B 29 8.73 22.79 14.73
CA VAL B 29 7.82 22.19 15.76
C VAL B 29 8.54 21.01 16.46
N THR B 30 8.26 20.81 17.75
CA THR B 30 8.80 19.67 18.47
C THR B 30 8.57 18.33 17.71
N VAL B 31 9.61 17.52 17.62
CA VAL B 31 9.53 16.21 17.05
C VAL B 31 8.61 15.28 17.84
N LEU B 32 8.05 15.74 18.94
CA LEU B 32 7.15 14.91 19.71
C LEU B 32 5.73 15.31 19.51
N SER B 33 5.53 16.23 18.56
CA SER B 33 4.17 16.72 18.28
C SER B 33 3.33 15.58 17.71
N PRO B 34 2.10 15.42 18.24
CA PRO B 34 1.16 14.48 17.65
C PRO B 34 0.85 14.82 16.16
N SER B 35 1.12 16.06 15.71
CA SER B 35 1.00 16.39 14.30
C SER B 35 2.09 15.75 13.52
N LEU B 36 3.28 15.67 14.13
CA LEU B 36 4.38 15.04 13.42
C LEU B 36 4.25 13.50 13.49
N ASN B 37 3.76 13.02 14.64
CA ASN B 37 3.82 11.60 14.96
C ASN B 37 2.66 10.83 14.38
N TYR B 38 1.53 11.51 14.24
CA TYR B 38 0.24 10.87 13.96
C TYR B 38 -0.55 11.49 12.79
N GLY B 39 0.08 12.34 11.96
CA GLY B 39 -0.57 12.92 10.78
C GLY B 39 -1.75 13.79 11.14
N PHE B 40 -1.72 14.42 12.33
CA PHE B 40 -2.87 15.18 12.77
C PHE B 40 -2.66 16.70 12.59
N GLY B 41 -2.82 17.16 11.34
CA GLY B 41 -3.01 18.56 11.02
C GLY B 41 -3.72 18.82 9.70
N VAL B 42 -3.85 20.10 9.32
CA VAL B 42 -4.47 20.47 8.06
C VAL B 42 -3.57 21.50 7.37
N PHE B 43 -3.61 21.59 6.05
CA PHE B 43 -2.81 22.55 5.33
C PHE B 43 -3.53 23.13 4.09
N GLU B 44 -2.89 24.09 3.42
CA GLU B 44 -3.47 24.73 2.22
C GLU B 44 -2.38 24.96 1.22
N GLY B 45 -2.80 25.26 0.00
CA GLY B 45 -1.90 25.69 -1.07
C GLY B 45 -2.56 26.86 -1.75
N ILE B 46 -1.86 27.99 -1.78
CA ILE B 46 -2.39 29.23 -2.35
C ILE B 46 -1.32 29.84 -3.26
N ARG B 47 -1.71 30.23 -4.45
CA ARG B 47 -0.78 30.88 -5.33
C ARG B 47 -0.94 32.40 -5.31
N ALA B 48 0.14 33.12 -5.59
CA ALA B 48 0.04 34.58 -5.83
C ALA B 48 0.74 34.75 -7.13
N TYR B 49 0.13 35.54 -8.02
CA TYR B 49 0.75 35.76 -9.34
C TYR B 49 1.19 37.22 -9.55
N TRP B 50 2.38 37.37 -10.12
CA TRP B 50 2.94 38.69 -10.44
C TRP B 50 2.52 39.04 -11.85
N ASN B 51 1.73 40.10 -12.06
CA ASN B 51 1.38 40.49 -13.48
C ASN B 51 2.20 41.59 -14.15
N GLY B 52 3.27 42.04 -13.51
CA GLY B 52 4.05 43.19 -13.94
C GLY B 52 3.74 44.47 -13.16
N GLU B 53 2.53 44.61 -12.61
CA GLU B 53 2.16 45.82 -11.88
C GLU B 53 1.67 45.56 -10.48
N ASN B 54 1.26 44.33 -10.18
CA ASN B 54 1.00 43.95 -8.79
C ASN B 54 1.14 42.44 -8.55
N LEU B 55 1.07 42.05 -7.27
CA LEU B 55 1.08 40.66 -6.86
C LEU B 55 -0.33 40.34 -6.37
N TYR B 56 -0.96 39.38 -7.06
CA TYR B 56 -2.35 38.98 -6.68
C TYR B 56 -2.44 37.56 -6.15
N VAL B 57 -2.97 37.47 -4.93
CA VAL B 57 -3.22 36.20 -4.31
C VAL B 57 -4.55 35.74 -4.86
N PHE B 58 -4.56 34.50 -5.37
CA PHE B 58 -5.74 33.94 -5.99
C PHE B 58 -6.63 33.20 -5.03
N ARG B 59 -7.88 33.63 -4.99
CA ARG B 59 -8.94 33.08 -4.12
C ARG B 59 -8.49 32.78 -2.68
N LEU B 60 -7.78 33.74 -2.09
CA LEU B 60 -7.29 33.71 -0.72
C LEU B 60 -8.36 33.30 0.30
N ARG B 61 -9.45 34.01 0.33
CA ARG B 61 -10.49 33.80 1.35
C ARG B 61 -11.06 32.35 1.26
N ASP B 62 -11.32 31.90 0.03
CA ASP B 62 -11.81 30.56 -0.24
C ASP B 62 -10.82 29.53 0.39
N HIS B 63 -9.53 29.65 0.10
CA HIS B 63 -8.56 28.74 0.67
C HIS B 63 -8.57 28.76 2.18
N MET B 64 -8.72 29.94 2.80
CA MET B 64 -8.69 29.99 4.26
C MET B 64 -9.97 29.44 4.88
N GLU B 65 -11.11 29.68 4.25
CA GLU B 65 -12.32 29.05 4.74
C GLU B 65 -12.25 27.50 4.64
N ARG B 66 -11.58 26.96 3.59
CA ARG B 66 -11.43 25.53 3.43
C ARG B 66 -10.49 24.98 4.56
N LEU B 67 -9.45 25.75 4.88
CA LEU B 67 -8.52 25.40 5.94
C LEU B 67 -9.32 25.16 7.21
N LEU B 68 -10.23 26.05 7.51
CA LEU B 68 -11.06 25.89 8.69
C LEU B 68 -12.08 24.77 8.58
N ARG B 69 -12.63 24.55 7.38
CA ARG B 69 -13.55 23.40 7.17
C ARG B 69 -12.78 22.07 7.43
N SER B 70 -11.55 21.98 6.87
CA SER B 70 -10.69 20.86 7.09
C SER B 70 -10.48 20.66 8.58
N ALA B 71 -10.22 21.75 9.31
CA ALA B 71 -9.88 21.57 10.72
C ALA B 71 -11.14 21.10 11.47
N LYS B 72 -12.29 21.64 11.13
CA LYS B 72 -13.52 21.22 11.79
C LYS B 72 -13.81 19.73 11.44
N ILE B 73 -13.54 19.32 10.20
CA ILE B 73 -13.78 17.94 9.82
C ILE B 73 -12.95 16.97 10.67
N ILE B 74 -11.66 17.24 10.91
CA ILE B 74 -10.79 16.27 11.59
C ILE B 74 -10.80 16.47 13.09
N GLY B 75 -11.49 17.51 13.56
CA GLY B 75 -11.56 17.82 15.01
C GLY B 75 -10.35 18.59 15.55
N LEU B 76 -9.68 19.38 14.72
CA LEU B 76 -8.58 20.20 15.17
C LEU B 76 -9.16 21.59 15.46
N ASP B 77 -8.83 22.15 16.62
CA ASP B 77 -9.29 23.49 16.95
C ASP B 77 -8.30 24.56 16.42
N VAL B 78 -8.72 25.34 15.42
CA VAL B 78 -7.87 26.41 14.88
C VAL B 78 -8.40 27.75 15.44
N PRO B 79 -7.57 28.41 16.27
CA PRO B 79 -8.11 29.60 17.00
C PRO B 79 -8.12 30.92 16.18
N TYR B 80 -8.01 30.86 14.86
CA TYR B 80 -8.05 32.06 14.00
C TYR B 80 -9.21 32.00 13.06
N THR B 81 -9.75 33.17 12.63
CA THR B 81 -10.82 33.22 11.61
C THR B 81 -10.19 33.25 10.22
N ALA B 82 -11.03 33.06 9.22
CA ALA B 82 -10.52 33.06 7.84
C ALA B 82 -9.99 34.44 7.45
N GLU B 83 -10.69 35.48 7.94
CA GLU B 83 -10.25 36.87 7.72
C GLU B 83 -8.81 37.14 8.29
N GLU B 84 -8.62 36.87 9.57
CA GLU B 84 -7.27 36.98 10.19
C GLU B 84 -6.21 36.24 9.38
N LEU B 85 -6.53 34.99 8.96
CA LEU B 85 -5.55 34.22 8.23
C LEU B 85 -5.26 34.79 6.85
N SER B 86 -6.30 35.35 6.23
CA SER B 86 -6.10 36.08 4.97
C SER B 86 -5.16 37.29 5.13
N LYS B 87 -5.42 38.12 6.15
CA LYS B 87 -4.55 39.28 6.48
C LYS B 87 -3.14 38.75 6.68
N ALA B 88 -3.04 37.67 7.49
CA ALA B 88 -1.70 37.11 7.79
C ALA B 88 -0.95 36.81 6.50
N VAL B 89 -1.66 36.30 5.48
CA VAL B 89 -0.96 35.92 4.22
C VAL B 89 -0.38 37.17 3.63
N VAL B 90 -1.24 38.19 3.50
CA VAL B 90 -0.79 39.46 2.91
C VAL B 90 0.44 40.00 3.73
N GLU B 91 0.29 40.10 5.06
CA GLU B 91 1.41 40.57 5.91
C GLU B 91 2.66 39.76 5.68
N THR B 92 2.52 38.46 5.43
CA THR B 92 3.70 37.64 5.30
C THR B 92 4.35 37.88 3.97
N VAL B 93 3.54 38.04 2.94
CA VAL B 93 4.15 38.25 1.63
C VAL B 93 4.82 39.64 1.59
N ARG B 94 4.16 40.63 2.23
CA ARG B 94 4.72 42.01 2.33
C ARG B 94 6.08 42.02 3.03
N ALA B 95 6.07 41.58 4.28
CA ALA B 95 7.29 41.46 5.11
C ALA B 95 8.50 40.84 4.37
N ASN B 96 8.29 40.10 3.29
CA ASN B 96 9.38 39.49 2.53
C ASN B 96 9.70 40.29 1.27
N GLY B 97 8.81 41.25 0.97
CA GLY B 97 8.90 42.07 -0.23
C GLY B 97 8.92 41.33 -1.55
N PHE B 98 8.26 40.18 -1.66
CA PHE B 98 8.20 39.46 -2.95
C PHE B 98 7.44 40.26 -4.04
N LYS B 99 7.96 40.20 -5.25
CA LYS B 99 7.35 40.79 -6.41
C LYS B 99 7.50 39.76 -7.53
N GLU B 100 6.91 38.58 -7.31
CA GLU B 100 7.10 37.40 -8.19
C GLU B 100 6.09 36.29 -7.82
N ASP B 101 5.98 35.29 -8.70
CA ASP B 101 5.12 34.11 -8.48
C ASP B 101 5.47 33.35 -7.20
N LEU B 102 4.46 33.17 -6.35
CA LEU B 102 4.60 32.48 -5.07
C LEU B 102 3.66 31.27 -4.95
N TYR B 103 4.14 30.25 -4.22
CA TYR B 103 3.28 29.26 -3.60
C TYR B 103 3.23 29.52 -2.12
N ILE B 104 2.04 29.59 -1.55
CA ILE B 104 1.86 29.88 -0.12
C ILE B 104 1.35 28.64 0.61
N ARG B 105 2.06 28.22 1.65
CA ARG B 105 1.69 27.09 2.49
C ARG B 105 1.29 27.46 3.91
N PRO B 106 -0.01 27.57 4.19
CA PRO B 106 -0.43 27.58 5.60
C PRO B 106 -0.49 26.13 6.11
N VAL B 107 -0.08 25.91 7.37
CA VAL B 107 -0.19 24.59 7.98
C VAL B 107 -0.61 24.77 9.40
N ALA B 108 -1.66 24.05 9.81
CA ALA B 108 -2.19 24.09 11.17
C ALA B 108 -1.87 22.76 11.87
N TYR B 109 -1.22 22.83 13.04
CA TYR B 109 -0.66 21.68 13.73
C TYR B 109 -0.60 21.91 15.22
N ILE B 110 -0.32 20.85 15.97
CA ILE B 110 -0.22 20.96 17.42
C ILE B 110 1.24 21.17 17.81
N SER B 111 1.56 22.25 18.52
CA SER B 111 2.97 22.55 18.85
C SER B 111 3.48 22.00 20.19
N LYS B 112 2.55 21.58 21.07
CA LYS B 112 2.84 20.88 22.34
C LYS B 112 3.38 19.42 22.06
N PRO B 113 4.44 18.97 22.75
CA PRO B 113 4.76 17.50 22.57
C PRO B 113 3.70 16.60 23.24
N GLN B 114 3.27 15.52 22.63
CA GLN B 114 2.23 14.66 23.22
C GLN B 114 2.23 13.29 22.53
N ILE B 115 2.49 12.28 23.33
CA ILE B 115 2.50 10.89 22.95
C ILE B 115 1.09 10.35 22.87
N SER B 116 0.20 10.82 23.75
CA SER B 116 -1.18 10.31 23.80
C SER B 116 -1.98 10.61 22.50
N LEU B 117 -2.78 9.66 22.07
CA LEU B 117 -3.59 9.85 20.89
C LEU B 117 -4.79 10.69 21.23
N ASP B 118 -5.03 10.92 22.53
CA ASP B 118 -6.20 11.67 22.91
C ASP B 118 -5.94 13.17 22.69
N VAL B 119 -6.33 13.62 21.52
CA VAL B 119 -5.99 14.95 21.07
C VAL B 119 -7.09 16.00 21.40
N ARG B 120 -8.14 15.57 22.08
CA ARG B 120 -9.23 16.48 22.48
C ARG B 120 -8.71 17.60 23.35
N GLY B 121 -9.28 18.79 23.13
CA GLY B 121 -8.95 19.99 23.90
C GLY B 121 -7.69 20.74 23.47
N LEU B 122 -6.89 20.18 22.57
CA LEU B 122 -5.68 20.85 22.12
C LEU B 122 -5.99 21.99 21.15
N GLN B 123 -5.09 22.95 21.09
CA GLN B 123 -5.32 24.10 20.28
C GLN B 123 -4.21 24.18 19.23
N ALA B 124 -4.58 24.40 17.97
CA ALA B 124 -3.59 24.37 16.88
C ALA B 124 -2.78 25.63 16.85
N SER B 125 -1.55 25.54 16.38
CA SER B 125 -0.83 26.71 15.86
C SER B 125 -1.02 26.76 14.37
N VAL B 126 -0.86 27.94 13.78
CA VAL B 126 -0.79 28.03 12.35
C VAL B 126 0.51 28.67 11.91
N ALA B 127 1.15 28.12 10.91
CA ALA B 127 2.29 28.81 10.29
C ALA B 127 1.93 29.12 8.86
N ILE B 128 2.51 30.16 8.31
CA ILE B 128 2.34 30.49 6.90
C ILE B 128 3.69 30.83 6.28
N ALA B 129 4.07 30.10 5.26
CA ALA B 129 5.26 30.42 4.49
C ALA B 129 4.91 30.77 3.05
N ALA B 130 5.71 31.61 2.41
CA ALA B 130 5.52 31.92 1.04
C ALA B 130 6.78 31.68 0.30
N ILE B 131 6.70 31.02 -0.84
CA ILE B 131 7.93 30.66 -1.44
C ILE B 131 7.86 30.87 -2.96
N PRO B 132 8.93 31.38 -3.55
CA PRO B 132 9.03 31.48 -5.01
C PRO B 132 8.73 30.17 -5.69
N PHE B 133 7.89 30.19 -6.72
CA PHE B 133 7.44 28.95 -7.31
C PHE B 133 7.06 29.17 -8.76
N GLY B 134 7.61 28.37 -9.66
CA GLY B 134 7.22 28.46 -11.09
C GLY B 134 6.22 27.36 -11.42
N LYS B 135 6.46 26.62 -12.50
CA LYS B 135 5.61 25.50 -12.95
C LYS B 135 5.83 24.20 -12.14
N TYR B 136 4.75 23.46 -11.83
CA TYR B 136 4.83 22.12 -11.16
C TYR B 136 4.80 20.95 -12.15
N LEU B 137 4.08 21.09 -13.25
CA LEU B 137 3.99 20.06 -14.30
C LEU B 137 4.33 20.74 -15.62
N LYS B 138 4.77 19.99 -16.63
CA LYS B 138 5.12 20.54 -17.95
C LYS B 138 3.89 21.17 -18.58
N VAL B 139 3.94 22.48 -18.80
CA VAL B 139 2.79 23.23 -19.34
C VAL B 139 2.29 22.69 -20.72
N GLU B 140 3.18 22.11 -21.52
CA GLU B 140 2.79 21.45 -22.82
C GLU B 140 2.16 20.03 -22.68
N GLY B 141 2.16 19.46 -21.46
CA GLY B 141 1.35 18.29 -21.16
C GLY B 141 2.17 17.19 -20.49
N VAL B 142 1.51 16.37 -19.70
CA VAL B 142 2.24 15.38 -18.89
C VAL B 142 1.84 13.99 -19.36
N ARG B 143 2.68 13.03 -19.05
CA ARG B 143 2.36 11.61 -19.23
C ARG B 143 1.99 11.02 -17.84
N ALA B 144 0.86 10.32 -17.79
CA ALA B 144 0.30 9.92 -16.53
C ALA B 144 0.12 8.40 -16.55
N ALA B 145 0.13 7.80 -15.36
CA ALA B 145 -0.12 6.37 -15.21
C ALA B 145 -1.18 6.14 -14.12
N VAL B 146 -2.09 5.21 -14.34
CA VAL B 146 -2.95 4.74 -13.27
C VAL B 146 -2.06 3.92 -12.32
N VAL B 147 -2.00 4.27 -11.03
CA VAL B 147 -1.14 3.59 -10.08
C VAL B 147 -1.82 2.42 -9.35
N SER B 148 -1.03 1.57 -8.68
CA SER B 148 -1.55 0.41 -7.96
C SER B 148 -2.21 0.78 -6.62
N TRP B 149 -1.81 1.93 -6.08
CA TRP B 149 -2.35 2.41 -4.83
C TRP B 149 -3.75 2.99 -5.04
N ARG B 150 -4.69 2.63 -4.21
CA ARG B 150 -6.02 3.25 -4.28
C ARG B 150 -6.11 4.48 -3.40
N ARG B 151 -6.95 5.44 -3.78
CA ARG B 151 -7.14 6.58 -2.99
C ARG B 151 -7.76 6.20 -1.65
N VAL B 152 -7.35 6.87 -0.57
CA VAL B 152 -7.84 6.43 0.72
C VAL B 152 -9.34 6.71 0.82
N HIS B 153 -10.05 5.87 1.55
CA HIS B 153 -11.50 5.87 1.53
C HIS B 153 -12.11 6.60 2.70
N THR B 154 -13.23 7.22 2.42
CA THR B 154 -14.00 8.03 3.38
C THR B 154 -14.33 7.29 4.72
N SER B 155 -14.53 5.99 4.64
CA SER B 155 -14.90 5.20 5.82
C SER B 155 -13.72 5.01 6.75
N MET B 156 -12.54 5.37 6.29
CA MET B 156 -11.29 5.28 7.06
C MET B 156 -10.63 6.60 7.41
N MET B 157 -10.58 7.52 6.47
CA MET B 157 -10.00 8.82 6.69
C MET B 157 -10.83 9.85 5.98
N PRO B 158 -10.90 11.05 6.52
CA PRO B 158 -11.81 12.06 5.86
C PRO B 158 -11.09 12.74 4.66
N VAL B 159 -11.11 12.09 3.49
CA VAL B 159 -10.29 12.51 2.37
C VAL B 159 -10.74 13.86 1.80
N MET B 160 -11.97 14.26 2.10
CA MET B 160 -12.41 15.58 1.65
C MET B 160 -11.65 16.71 2.39
N ALA B 161 -11.14 16.48 3.60
CA ALA B 161 -10.26 17.48 4.25
C ALA B 161 -8.87 17.46 3.68
N LYS B 162 -8.20 18.61 3.57
CA LYS B 162 -6.78 18.61 3.18
CA LYS B 162 -6.79 18.61 3.19
C LYS B 162 -6.04 18.41 4.52
N ALA B 163 -6.08 17.16 5.02
CA ALA B 163 -5.48 16.74 6.26
C ALA B 163 -4.12 16.08 6.01
N THR B 164 -3.15 16.40 6.83
CA THR B 164 -1.76 16.01 6.54
C THR B 164 -1.53 14.51 6.46
N GLY B 165 -2.05 13.76 7.43
CA GLY B 165 -1.76 12.32 7.48
C GLY B 165 -2.27 11.61 6.22
N ILE B 166 -3.37 12.07 5.61
CA ILE B 166 -3.91 11.53 4.37
C ILE B 166 -2.90 11.50 3.23
N TYR B 167 -2.00 12.45 3.22
CA TYR B 167 -1.07 12.59 2.07
C TYR B 167 0.00 11.55 1.90
N LEU B 168 0.15 10.68 2.91
CA LEU B 168 0.99 9.50 2.74
C LEU B 168 0.49 8.69 1.53
N ASN B 169 -0.83 8.62 1.40
CA ASN B 169 -1.52 8.07 0.21
C ASN B 169 -1.07 8.74 -1.09
N SER B 170 -1.01 10.07 -1.12
CA SER B 170 -0.62 10.78 -2.34
C SER B 170 0.84 10.60 -2.62
N ILE B 171 1.64 10.56 -1.55
CA ILE B 171 3.05 10.24 -1.73
C ILE B 171 3.30 8.89 -2.36
N MET B 172 2.64 7.82 -1.85
CA MET B 172 2.86 6.51 -2.46
C MET B 172 2.53 6.62 -3.97
N ALA B 173 1.42 7.27 -4.31
CA ALA B 173 0.99 7.38 -5.69
C ALA B 173 2.01 8.15 -6.53
N ALA B 174 2.46 9.28 -6.02
CA ALA B 174 3.36 10.20 -6.79
C ALA B 174 4.67 9.55 -7.04
N VAL B 175 5.20 8.93 -5.99
CA VAL B 175 6.46 8.22 -6.11
C VAL B 175 6.32 7.05 -7.08
N GLU B 176 5.25 6.29 -6.98
CA GLU B 176 5.13 5.16 -7.93
C GLU B 176 5.11 5.62 -9.38
N ALA B 177 4.36 6.68 -9.70
CA ALA B 177 4.33 7.11 -11.10
C ALA B 177 5.71 7.58 -11.55
N ARG B 178 6.36 8.40 -10.71
CA ARG B 178 7.64 9.02 -11.08
C ARG B 178 8.72 7.93 -11.21
N ALA B 179 8.73 6.96 -10.29
CA ALA B 179 9.74 5.88 -10.33
C ALA B 179 9.64 5.14 -11.65
N ARG B 180 8.42 5.03 -12.18
CA ARG B 180 8.20 4.22 -13.37
C ARG B 180 8.40 5.06 -14.64
N GLY B 181 8.97 6.26 -14.51
CA GLY B 181 9.19 7.15 -15.65
C GLY B 181 8.12 8.18 -16.03
N TYR B 182 6.95 8.18 -15.38
CA TYR B 182 5.88 9.12 -15.74
C TYR B 182 5.92 10.45 -14.96
N ASP B 183 5.11 11.45 -15.38
CA ASP B 183 5.09 12.75 -14.69
C ASP B 183 4.17 12.79 -13.53
N GLU B 184 3.11 11.99 -13.58
CA GLU B 184 2.04 12.10 -12.58
C GLU B 184 1.19 10.82 -12.50
N ALA B 185 0.63 10.63 -11.32
CA ALA B 185 -0.15 9.46 -11.00
C ALA B 185 -1.62 9.76 -11.19
N ILE B 186 -2.39 8.78 -11.65
CA ILE B 186 -3.82 8.86 -11.50
C ILE B 186 -4.25 7.76 -10.55
N MET B 187 -5.06 8.12 -9.56
CA MET B 187 -5.57 7.15 -8.60
C MET B 187 -7.03 6.80 -8.77
N LEU B 188 -7.32 5.51 -8.63
CA LEU B 188 -8.69 5.03 -8.54
C LEU B 188 -9.13 4.99 -7.12
N ASN B 189 -10.44 5.17 -6.88
CA ASN B 189 -10.97 4.98 -5.51
C ASN B 189 -11.30 3.53 -5.23
N ALA B 190 -11.87 3.27 -4.04
CA ALA B 190 -12.11 1.87 -3.64
C ALA B 190 -13.05 1.17 -4.64
N GLU B 191 -13.87 1.92 -5.38
CA GLU B 191 -14.89 1.34 -6.23
C GLU B 191 -14.34 1.26 -7.67
N GLY B 192 -13.05 1.59 -7.85
CA GLY B 192 -12.42 1.48 -9.17
C GLY B 192 -12.68 2.68 -10.07
N LYS B 193 -13.28 3.77 -9.56
CA LYS B 193 -13.51 4.94 -10.40
C LYS B 193 -12.24 5.86 -10.39
N VAL B 194 -11.92 6.48 -11.54
CA VAL B 194 -10.87 7.46 -11.64
C VAL B 194 -11.21 8.65 -10.76
N VAL B 195 -10.38 9.01 -9.80
CA VAL B 195 -10.79 10.15 -8.99
C VAL B 195 -9.86 11.36 -8.97
N GLU B 196 -8.55 11.17 -9.00
CA GLU B 196 -7.68 12.27 -8.61
C GLU B 196 -6.27 11.98 -9.06
N GLY B 197 -5.48 13.04 -9.31
CA GLY B 197 -4.06 12.88 -9.40
C GLY B 197 -3.55 12.79 -7.96
N SER B 198 -2.26 12.54 -7.79
CA SER B 198 -1.64 12.65 -6.45
C SER B 198 -1.85 14.02 -5.79
N GLY B 199 -1.81 15.09 -6.59
CA GLY B 199 -2.18 16.39 -6.07
C GLY B 199 -3.00 17.28 -6.98
N GLU B 200 -3.96 16.72 -7.71
CA GLU B 200 -4.69 17.45 -8.75
C GLU B 200 -6.10 16.88 -8.83
N ASN B 201 -7.07 17.70 -9.26
CA ASN B 201 -8.34 17.18 -9.69
C ASN B 201 -8.22 16.84 -11.16
N ILE B 202 -9.12 16.03 -11.68
CA ILE B 202 -8.91 15.63 -13.06
C ILE B 202 -10.19 15.91 -13.93
N PHE B 203 -9.99 16.34 -15.17
CA PHE B 203 -11.08 16.55 -16.11
C PHE B 203 -10.87 15.77 -17.37
N ILE B 204 -11.94 15.25 -17.94
CA ILE B 204 -11.79 14.72 -19.31
C ILE B 204 -12.85 15.40 -20.20
N VAL B 205 -12.68 15.25 -21.50
CA VAL B 205 -13.68 15.67 -22.47
C VAL B 205 -14.09 14.49 -23.32
N ARG B 206 -15.39 14.22 -23.40
CA ARG B 206 -15.87 13.26 -24.41
C ARG B 206 -17.02 13.90 -25.28
N ARG B 207 -16.81 13.93 -26.60
CA ARG B 207 -17.78 14.52 -27.57
C ARG B 207 -18.16 15.94 -27.14
N GLY B 208 -17.17 16.81 -26.92
CA GLY B 208 -17.39 18.20 -26.47
C GLY B 208 -18.06 18.43 -25.10
N VAL B 209 -18.31 17.39 -24.33
CA VAL B 209 -18.79 17.53 -22.92
C VAL B 209 -17.63 17.35 -21.92
N LEU B 210 -17.49 18.31 -21.00
CA LEU B 210 -16.44 18.29 -19.99
C LEU B 210 -16.98 17.49 -18.79
N MET B 211 -16.20 16.50 -18.34
CA MET B 211 -16.56 15.64 -17.18
C MET B 211 -15.52 15.65 -16.10
N THR B 212 -15.99 15.67 -14.86
CA THR B 212 -15.06 15.57 -13.74
C THR B 212 -15.75 14.75 -12.62
N PRO B 213 -15.01 13.88 -11.92
CA PRO B 213 -15.60 13.12 -10.83
C PRO B 213 -16.31 14.00 -9.82
N PRO B 214 -17.45 13.56 -9.30
CA PRO B 214 -18.19 14.31 -8.27
C PRO B 214 -17.52 14.22 -6.88
N LEU B 215 -17.85 15.13 -5.99
CA LEU B 215 -17.24 15.13 -4.68
C LEU B 215 -17.40 13.82 -3.94
N GLU B 216 -18.60 13.25 -4.00
CA GLU B 216 -18.87 12.03 -3.24
C GLU B 216 -17.95 10.83 -3.64
N ASP B 217 -17.22 10.92 -4.74
CA ASP B 217 -16.30 9.85 -5.14
C ASP B 217 -15.05 9.81 -4.29
N GLY B 218 -14.90 10.79 -3.42
CA GLY B 218 -13.87 10.82 -2.40
C GLY B 218 -12.68 11.62 -2.89
N ILE B 219 -12.91 12.86 -3.26
CA ILE B 219 -11.86 13.72 -3.75
C ILE B 219 -11.80 14.98 -2.94
N LEU B 220 -10.69 15.70 -3.10
CA LEU B 220 -10.59 17.04 -2.54
C LEU B 220 -11.48 18.03 -3.35
N GLU B 221 -12.27 18.86 -2.68
CA GLU B 221 -13.13 19.84 -3.35
C GLU B 221 -12.25 21.05 -3.80
N GLY B 222 -11.59 20.91 -4.97
CA GLY B 222 -10.48 21.79 -5.35
C GLY B 222 -11.00 23.16 -5.76
N ILE B 223 -10.25 24.20 -5.44
CA ILE B 223 -10.63 25.53 -5.78
C ILE B 223 -10.33 25.82 -7.27
N THR B 224 -9.33 25.17 -7.82
CA THR B 224 -9.11 25.29 -9.26
C THR B 224 -10.25 24.61 -10.03
N ARG B 225 -10.61 23.42 -9.56
CA ARG B 225 -11.75 22.67 -10.11
C ARG B 225 -12.99 23.59 -10.17
N GLU B 226 -13.27 24.27 -9.06
CA GLU B 226 -14.40 25.18 -8.99
C GLU B 226 -14.26 26.34 -10.00
N THR B 227 -13.07 26.92 -10.05
CA THR B 227 -12.74 27.89 -11.05
C THR B 227 -13.04 27.40 -12.47
N VAL B 228 -12.61 26.19 -12.81
CA VAL B 228 -12.86 25.62 -14.13
C VAL B 228 -14.35 25.41 -14.43
N ILE B 229 -15.13 25.08 -13.39
CA ILE B 229 -16.52 24.91 -13.59
C ILE B 229 -17.17 26.29 -13.97
N SER B 230 -16.81 27.39 -13.30
CA SER B 230 -17.26 28.74 -13.67
C SER B 230 -16.80 29.11 -15.05
N ILE B 231 -15.57 28.79 -15.38
CA ILE B 231 -15.06 29.13 -16.72
C ILE B 231 -15.89 28.43 -17.76
N ALA B 232 -16.14 27.13 -17.56
CA ALA B 232 -16.98 26.41 -18.52
C ALA B 232 -18.41 27.02 -18.69
N GLY B 233 -19.01 27.47 -17.58
CA GLY B 233 -20.28 28.21 -17.52
C GLY B 233 -20.21 29.44 -18.42
N ASP B 234 -19.20 30.29 -18.23
CA ASP B 234 -19.00 31.48 -19.08
C ASP B 234 -18.88 31.15 -20.53
N LEU B 235 -18.12 30.10 -20.85
CA LEU B 235 -17.81 29.81 -22.24
C LEU B 235 -18.88 28.98 -22.93
N GLY B 236 -19.94 28.62 -22.18
CA GLY B 236 -20.97 27.69 -22.68
C GLY B 236 -20.48 26.28 -23.08
N ILE B 237 -19.44 25.78 -22.39
CA ILE B 237 -19.00 24.38 -22.54
C ILE B 237 -19.79 23.50 -21.56
N PRO B 238 -20.57 22.56 -22.10
CA PRO B 238 -21.44 21.70 -21.24
C PRO B 238 -20.51 20.90 -20.27
N LEU B 239 -20.89 20.79 -18.99
CA LEU B 239 -20.03 20.17 -17.96
C LEU B 239 -20.85 19.26 -17.07
N LEU B 240 -20.39 18.02 -16.89
CA LEU B 240 -21.03 17.15 -15.92
C LEU B 240 -20.08 16.71 -14.79
N GLU B 241 -20.60 16.71 -13.57
CA GLU B 241 -19.92 16.13 -12.44
C GLU B 241 -20.39 14.69 -12.32
N LYS B 242 -19.62 13.78 -12.88
CA LYS B 242 -20.10 12.42 -13.10
C LYS B 242 -18.91 11.46 -12.86
N SER B 243 -19.15 10.27 -12.34
CA SER B 243 -18.01 9.28 -12.18
C SER B 243 -17.36 8.89 -13.51
N ILE B 244 -16.07 8.60 -13.49
CA ILE B 244 -15.28 8.35 -14.68
C ILE B 244 -14.57 7.03 -14.43
N THR B 245 -14.54 6.15 -15.42
CA THR B 245 -13.84 4.90 -15.29
C THR B 245 -12.60 4.99 -16.10
N ARG B 246 -11.69 4.06 -15.86
CA ARG B 246 -10.49 3.96 -16.69
C ARG B 246 -10.70 3.83 -18.18
N GLU B 247 -11.71 3.05 -18.62
CA GLU B 247 -11.99 2.93 -20.06
C GLU B 247 -12.32 4.34 -20.64
N GLU B 248 -13.06 5.18 -19.90
CA GLU B 248 -13.48 6.47 -20.42
C GLU B 248 -12.28 7.42 -20.57
N LEU B 249 -11.33 7.25 -19.66
CA LEU B 249 -10.12 7.97 -19.64
C LEU B 249 -9.31 7.52 -20.84
N TYR B 250 -9.15 6.22 -21.06
CA TYR B 250 -8.42 5.75 -22.25
C TYR B 250 -9.03 6.26 -23.60
N ALA B 251 -10.33 6.39 -23.61
CA ALA B 251 -11.07 6.81 -24.80
C ALA B 251 -11.40 8.32 -24.84
N ALA B 252 -10.82 9.13 -23.94
CA ALA B 252 -11.21 10.50 -23.87
C ALA B 252 -10.75 11.21 -25.12
N ASP B 253 -11.47 12.23 -25.59
CA ASP B 253 -10.96 13.14 -26.64
C ASP B 253 -9.82 13.98 -26.08
N GLU B 254 -9.98 14.48 -24.84
CA GLU B 254 -8.93 15.28 -24.17
C GLU B 254 -8.98 15.00 -22.67
N ALA B 255 -7.92 15.33 -21.94
CA ALA B 255 -7.93 15.18 -20.50
C ALA B 255 -6.96 16.16 -19.89
N PHE B 256 -7.18 16.62 -18.67
CA PHE B 256 -6.20 17.51 -18.05
C PHE B 256 -6.31 17.50 -16.57
N PHE B 257 -5.25 17.90 -15.90
CA PHE B 257 -5.25 18.04 -14.46
C PHE B 257 -5.44 19.49 -14.10
N VAL B 258 -6.02 19.78 -12.94
CA VAL B 258 -6.06 21.11 -12.40
C VAL B 258 -5.69 21.10 -10.91
N GLY B 259 -5.10 22.18 -10.46
CA GLY B 259 -4.82 22.35 -9.05
C GLY B 259 -4.07 23.64 -8.83
N THR B 260 -3.98 24.07 -7.56
CA THR B 260 -3.24 25.30 -7.29
C THR B 260 -1.82 25.25 -7.85
N ALA B 261 -1.07 24.24 -7.45
CA ALA B 261 0.30 24.09 -7.96
C ALA B 261 0.30 23.71 -9.43
N ALA B 262 -0.59 22.80 -9.80
CA ALA B 262 -0.54 22.26 -11.17
C ALA B 262 -1.12 23.20 -12.23
N GLU B 263 -1.89 24.20 -11.77
CA GLU B 263 -2.59 25.08 -12.71
C GLU B 263 -3.53 24.30 -13.66
N ILE B 264 -3.45 24.53 -14.98
CA ILE B 264 -4.24 23.75 -15.92
C ILE B 264 -3.27 23.03 -16.82
N THR B 265 -3.13 21.70 -16.66
CA THR B 265 -2.14 20.94 -17.38
C THR B 265 -2.75 19.83 -18.19
N PRO B 266 -2.48 19.83 -19.49
CA PRO B 266 -3.01 18.75 -20.32
C PRO B 266 -2.33 17.42 -20.01
N ILE B 267 -3.08 16.34 -20.21
CA ILE B 267 -2.55 15.02 -20.14
C ILE B 267 -2.45 14.49 -21.57
N ILE B 268 -1.23 14.30 -22.06
CA ILE B 268 -1.09 13.87 -23.48
C ILE B 268 -0.84 12.38 -23.64
N GLU B 269 -0.74 11.69 -22.49
CA GLU B 269 -0.57 10.24 -22.50
C GLU B 269 -1.03 9.64 -21.18
N ILE B 270 -1.82 8.58 -21.27
CA ILE B 270 -2.22 7.83 -20.11
C ILE B 270 -1.98 6.35 -20.33
N ASP B 271 -1.13 5.79 -19.48
CA ASP B 271 -0.63 4.37 -19.60
C ASP B 271 -0.28 3.99 -21.05
N GLY B 272 0.49 4.84 -21.74
CA GLY B 272 0.89 4.56 -23.12
C GLY B 272 -0.16 4.95 -24.14
N ARG B 273 -1.40 5.23 -23.75
CA ARG B 273 -2.38 5.71 -24.72
C ARG B 273 -2.29 7.22 -24.95
N VAL B 274 -2.01 7.61 -26.20
CA VAL B 274 -1.74 9.02 -26.57
C VAL B 274 -3.03 9.82 -26.63
N LEU B 275 -3.02 11.04 -26.11
CA LEU B 275 -4.18 11.94 -26.34
C LEU B 275 -3.70 13.25 -26.92
N GLN B 276 -4.49 13.83 -27.84
CA GLN B 276 -4.21 15.20 -28.34
C GLN B 276 -4.21 16.24 -27.17
N ARG B 277 -3.29 17.20 -27.17
CA ARG B 277 -3.48 18.42 -26.38
C ARG B 277 -4.68 19.12 -27.02
N GLY B 278 -5.85 19.14 -26.38
CA GLY B 278 -7.06 19.47 -27.11
C GLY B 278 -7.56 20.91 -27.08
N PRO B 279 -8.58 21.21 -27.91
CA PRO B 279 -9.03 22.61 -27.97
C PRO B 279 -9.71 23.15 -26.68
N ILE B 280 -10.58 22.36 -26.03
CA ILE B 280 -11.21 22.81 -24.78
C ILE B 280 -10.19 23.06 -23.65
N THR B 281 -9.26 22.15 -23.49
CA THR B 281 -8.17 22.31 -22.53
C THR B 281 -7.45 23.60 -22.78
N GLN B 282 -7.01 23.78 -24.02
CA GLN B 282 -6.38 25.05 -24.44
C GLN B 282 -7.17 26.31 -24.05
N LYS B 283 -8.46 26.35 -24.44
CA LYS B 283 -9.32 27.46 -24.07
C LYS B 283 -9.35 27.73 -22.55
N ILE B 284 -9.52 26.65 -21.78
CA ILE B 284 -9.58 26.77 -20.34
C ILE B 284 -8.22 27.26 -19.76
N ALA B 285 -7.11 26.74 -20.29
CA ALA B 285 -5.79 27.11 -19.77
C ALA B 285 -5.53 28.60 -20.03
N GLU B 286 -5.81 29.04 -21.29
CA GLU B 286 -5.68 30.48 -21.70
C GLU B 286 -6.56 31.36 -20.84
N THR B 287 -7.82 30.97 -20.61
CA THR B 287 -8.73 31.79 -19.79
C THR B 287 -8.23 31.87 -18.36
N TYR B 288 -7.80 30.74 -17.80
CA TYR B 288 -7.36 30.70 -16.42
C TYR B 288 -6.17 31.63 -16.22
N ARG B 289 -5.19 31.53 -17.13
CA ARG B 289 -4.04 32.50 -17.10
C ARG B 289 -4.51 33.98 -17.09
N ARG B 290 -5.45 34.32 -17.99
CA ARG B 290 -5.95 35.70 -18.05
C ARG B 290 -6.58 36.03 -16.69
N ILE B 291 -7.38 35.10 -16.15
CA ILE B 291 -8.03 35.39 -14.87
C ILE B 291 -6.99 35.67 -13.79
N VAL B 292 -5.96 34.85 -13.71
CA VAL B 292 -5.07 34.98 -12.56
C VAL B 292 -4.13 36.18 -12.67
N LEU B 293 -3.85 36.57 -13.90
CA LEU B 293 -3.04 37.74 -14.16
C LEU B 293 -3.84 39.05 -14.08
N GLY B 294 -5.11 39.02 -13.73
CA GLY B 294 -5.89 40.28 -13.64
C GLY B 294 -6.46 40.94 -14.93
N LYS B 295 -6.37 40.25 -16.07
CA LYS B 295 -6.88 40.70 -17.36
C LYS B 295 -8.35 40.37 -17.63
N GLU B 296 -9.14 39.97 -16.63
CA GLU B 296 -10.58 39.65 -16.83
C GLU B 296 -11.33 40.25 -15.67
N GLU B 297 -12.01 41.34 -15.99
CA GLU B 297 -12.50 42.25 -14.95
C GLU B 297 -13.65 41.63 -14.11
N LYS B 298 -14.44 40.81 -14.78
CA LYS B 298 -15.45 39.96 -14.18
C LYS B 298 -14.91 39.20 -12.93
N TYR B 299 -13.63 38.77 -12.98
CA TYR B 299 -13.05 37.91 -11.92
C TYR B 299 -12.19 38.58 -10.85
N LEU B 300 -12.07 39.90 -10.98
CA LEU B 300 -11.23 40.65 -10.07
C LEU B 300 -11.59 40.44 -8.61
N PRO B 301 -12.87 40.18 -8.29
CA PRO B 301 -13.14 39.90 -6.83
C PRO B 301 -12.42 38.64 -6.27
N TRP B 302 -11.84 37.79 -7.12
CA TRP B 302 -11.03 36.67 -6.62
C TRP B 302 -9.53 37.01 -6.45
N LEU B 303 -9.12 38.22 -6.84
CA LEU B 303 -7.68 38.58 -6.71
C LEU B 303 -7.46 39.53 -5.56
N THR B 304 -6.56 39.19 -4.64
CA THR B 304 -6.19 40.10 -3.52
C THR B 304 -4.84 40.71 -3.87
N PRO B 305 -4.82 42.07 -4.03
CA PRO B 305 -3.55 42.78 -4.30
C PRO B 305 -2.71 42.76 -3.02
N VAL B 306 -1.43 42.46 -3.15
CA VAL B 306 -0.53 42.54 -1.99
C VAL B 306 -0.15 44.00 -1.68
N TYR B 307 0.26 44.71 -2.75
CA TYR B 307 0.73 46.12 -2.71
C TYR B 307 -0.33 47.14 -3.19
N SER C 12 14.48 19.72 32.11
CA SER C 12 14.70 19.65 30.63
C SER C 12 15.60 18.45 30.28
N MET C 13 15.04 17.50 29.55
CA MET C 13 15.75 16.28 29.24
C MET C 13 16.61 16.38 27.94
N LYS C 14 17.60 15.50 27.80
CA LYS C 14 18.33 15.37 26.53
C LYS C 14 17.57 14.43 25.51
N VAL C 15 17.87 14.62 24.22
CA VAL C 15 17.17 13.96 23.15
C VAL C 15 18.23 13.66 22.10
N TRP C 16 18.30 12.41 21.65
CA TRP C 16 19.20 12.05 20.56
C TRP C 16 18.65 12.52 19.22
N LEU C 17 19.54 13.06 18.36
CA LEU C 17 19.13 13.60 17.12
C LEU C 17 20.28 13.55 16.19
N ASP C 18 20.22 12.63 15.23
CA ASP C 18 21.25 12.45 14.23
C ASP C 18 22.68 12.36 14.81
N GLY C 19 22.87 11.50 15.82
CA GLY C 19 24.21 11.29 16.40
C GLY C 19 24.60 12.18 17.58
N ARG C 20 23.78 13.17 17.91
CA ARG C 20 24.14 14.09 18.98
C ARG C 20 23.03 14.21 20.01
N LEU C 21 23.43 14.37 21.27
CA LEU C 21 22.47 14.70 22.35
C LEU C 21 22.23 16.20 22.40
N VAL C 22 20.98 16.65 22.33
CA VAL C 22 20.62 18.07 22.31
C VAL C 22 19.53 18.29 23.35
N ASP C 23 19.22 19.54 23.71
CA ASP C 23 18.10 19.75 24.66
C ASP C 23 16.80 19.55 23.90
N GLU C 24 15.77 19.06 24.60
CA GLU C 24 14.41 18.83 24.02
C GLU C 24 13.94 20.01 23.15
N GLU C 25 14.12 21.23 23.71
CA GLU C 25 13.81 22.47 23.01
C GLU C 25 14.57 22.64 21.68
N GLU C 26 15.72 21.96 21.46
CA GLU C 26 16.41 22.02 20.15
C GLU C 26 16.09 20.87 19.16
N ALA C 27 15.20 19.96 19.55
CA ALA C 27 14.77 18.84 18.70
C ALA C 27 13.40 19.18 18.04
N LYS C 28 13.49 19.96 16.97
CA LYS C 28 12.36 20.63 16.31
C LYS C 28 12.59 20.47 14.84
N VAL C 29 11.52 20.50 14.04
CA VAL C 29 11.64 20.32 12.55
C VAL C 29 10.93 21.48 11.83
N THR C 30 11.47 21.90 10.70
CA THR C 30 10.82 22.93 9.90
C THR C 30 9.31 22.60 9.65
N VAL C 31 8.45 23.61 9.83
CA VAL C 31 7.05 23.40 9.59
C VAL C 31 6.77 23.10 8.11
N LEU C 32 7.79 23.16 7.25
CA LEU C 32 7.58 22.90 5.84
C LEU C 32 8.03 21.51 5.45
N SER C 33 8.34 20.71 6.47
CA SER C 33 8.78 19.36 6.24
C SER C 33 7.63 18.53 5.66
N PRO C 34 7.93 17.78 4.58
CA PRO C 34 6.94 16.86 4.04
C PRO C 34 6.53 15.82 5.09
N SER C 35 7.33 15.58 6.15
CA SER C 35 6.90 14.72 7.25
C SER C 35 5.79 15.35 8.04
N LEU C 36 5.88 16.66 8.21
CA LEU C 36 4.81 17.32 8.97
C LEU C 36 3.57 17.58 8.07
N ASN C 37 3.81 17.84 6.79
CA ASN C 37 2.72 18.29 5.91
C ASN C 37 1.94 17.10 5.30
N TYR C 38 2.62 15.97 5.12
CA TYR C 38 2.06 14.87 4.32
C TYR C 38 2.15 13.47 5.03
N GLY C 39 2.44 13.43 6.34
CA GLY C 39 2.42 12.20 7.12
C GLY C 39 3.49 11.23 6.68
N PHE C 40 4.60 11.76 6.15
CA PHE C 40 5.64 10.88 5.62
C PHE C 40 6.81 10.70 6.62
N GLY C 41 6.59 9.87 7.64
CA GLY C 41 7.66 9.33 8.46
C GLY C 41 7.31 8.00 9.15
N VAL C 42 8.21 7.49 10.00
CA VAL C 42 7.93 6.29 10.78
C VAL C 42 8.32 6.53 12.22
N PHE C 43 7.71 5.83 13.16
CA PHE C 43 8.09 5.96 14.56
C PHE C 43 8.05 4.62 15.34
N GLU C 44 8.45 4.63 16.61
CA GLU C 44 8.47 3.42 17.46
C GLU C 44 7.97 3.80 18.85
N GLY C 45 7.62 2.78 19.60
CA GLY C 45 7.25 2.86 21.01
C GLY C 45 8.03 1.78 21.75
N ILE C 46 8.90 2.16 22.69
CA ILE C 46 9.76 1.20 23.39
C ILE C 46 9.72 1.50 24.90
N ARG C 47 9.51 0.49 25.71
CA ARG C 47 9.48 0.72 27.15
C ARG C 47 10.80 0.32 27.78
N ALA C 48 11.15 0.99 28.87
CA ALA C 48 12.25 0.52 29.72
C ALA C 48 11.62 0.35 31.10
N TYR C 49 11.95 -0.78 31.74
CA TYR C 49 11.43 -1.02 33.08
C TYR C 49 12.50 -0.98 34.18
N TRP C 50 12.18 -0.27 35.28
CA TRP C 50 13.07 -0.18 36.45
C TRP C 50 12.72 -1.35 37.34
N ASN C 51 13.64 -2.30 37.57
CA ASN C 51 13.32 -3.42 38.53
C ASN C 51 13.83 -3.29 39.99
N GLY C 52 14.37 -2.11 40.33
CA GLY C 52 15.04 -1.90 41.61
C GLY C 52 16.57 -1.95 41.55
N GLU C 53 17.12 -2.70 40.58
CA GLU C 53 18.57 -2.93 40.48
C GLU C 53 19.13 -2.42 39.15
N ASN C 54 18.27 -2.35 38.12
CA ASN C 54 18.68 -1.74 36.86
C ASN C 54 17.47 -1.27 36.02
N LEU C 55 17.77 -0.56 34.94
CA LEU C 55 16.79 -0.14 33.96
C LEU C 55 16.96 -1.02 32.72
N TYR C 56 15.91 -1.77 32.40
CA TYR C 56 15.94 -2.66 31.21
C TYR C 56 15.00 -2.19 30.09
N VAL C 57 15.60 -1.93 28.93
CA VAL C 57 14.86 -1.66 27.75
C VAL C 57 14.36 -2.99 27.19
N PHE C 58 13.05 -3.06 26.94
CA PHE C 58 12.42 -4.30 26.46
C PHE C 58 12.37 -4.44 24.98
N ARG C 59 12.94 -5.54 24.52
CA ARG C 59 13.08 -5.94 23.10
C ARG C 59 13.50 -4.79 22.20
N LEU C 60 14.55 -4.11 22.64
CA LEU C 60 15.05 -2.92 21.94
C LEU C 60 15.37 -3.22 20.48
N ARG C 61 16.15 -4.25 20.26
CA ARG C 61 16.60 -4.61 18.91
C ARG C 61 15.40 -4.88 17.93
N ASP C 62 14.43 -5.63 18.42
CA ASP C 62 13.22 -5.95 17.69
C ASP C 62 12.52 -4.60 17.26
N HIS C 63 12.31 -3.67 18.20
CA HIS C 63 11.70 -2.41 17.87
C HIS C 63 12.50 -1.66 16.81
N MET C 64 13.82 -1.71 16.91
CA MET C 64 14.64 -0.94 15.93
C MET C 64 14.66 -1.58 14.55
N GLU C 65 14.65 -2.90 14.50
CA GLU C 65 14.51 -3.51 13.21
C GLU C 65 13.16 -3.27 12.54
N ARG C 66 12.10 -3.16 13.33
CA ARG C 66 10.79 -2.84 12.84
C ARG C 66 10.76 -1.41 12.29
N LEU C 67 11.45 -0.49 12.99
CA LEU C 67 11.55 0.90 12.56
C LEU C 67 12.07 0.90 11.14
N LEU C 68 13.13 0.13 10.92
CA LEU C 68 13.73 0.10 9.60
C LEU C 68 12.87 -0.64 8.56
N ARG C 69 12.12 -1.67 8.99
CA ARG C 69 11.20 -2.35 8.06
C ARG C 69 10.09 -1.36 7.62
N SER C 70 9.53 -0.62 8.59
CA SER C 70 8.57 0.40 8.34
C SER C 70 9.14 1.38 7.32
N ALA C 71 10.41 1.79 7.48
CA ALA C 71 10.93 2.77 6.59
C ALA C 71 11.12 2.20 5.19
N LYS C 72 11.52 0.94 5.10
CA LYS C 72 11.61 0.31 3.80
C LYS C 72 10.20 0.22 3.15
N ILE C 73 9.19 -0.10 3.94
CA ILE C 73 7.85 -0.28 3.43
C ILE C 73 7.34 1.04 2.79
N ILE C 74 7.56 2.20 3.43
CA ILE C 74 7.01 3.47 2.90
C ILE C 74 7.96 4.16 1.95
N GLY C 75 9.16 3.62 1.78
CA GLY C 75 10.17 4.25 0.90
C GLY C 75 11.01 5.38 1.54
N LEU C 76 11.15 5.39 2.87
CA LEU C 76 11.92 6.39 3.56
C LEU C 76 13.33 5.81 3.77
N ASP C 77 14.34 6.59 3.44
CA ASP C 77 15.72 6.17 3.66
C ASP C 77 16.19 6.52 5.07
N VAL C 78 16.34 5.50 5.92
CA VAL C 78 16.85 5.71 7.30
C VAL C 78 18.31 5.27 7.33
N PRO C 79 19.24 6.24 7.50
CA PRO C 79 20.66 5.90 7.22
C PRO C 79 21.38 5.30 8.45
N TYR C 80 20.64 4.72 9.41
CA TYR C 80 21.23 4.08 10.58
C TYR C 80 20.93 2.60 10.58
N THR C 81 21.74 1.77 11.25
CA THR C 81 21.44 0.33 11.38
C THR C 81 20.66 0.12 12.70
N ALA C 82 20.13 -1.09 12.89
CA ALA C 82 19.36 -1.34 14.11
C ALA C 82 20.27 -1.30 15.34
N GLU C 83 21.49 -1.81 15.16
CA GLU C 83 22.50 -1.74 16.24
C GLU C 83 22.81 -0.26 16.69
N GLU C 84 23.17 0.61 15.73
CA GLU C 84 23.34 2.05 16.03
C GLU C 84 22.16 2.66 16.78
N LEU C 85 20.96 2.35 16.27
CA LEU C 85 19.77 2.94 16.89
C LEU C 85 19.54 2.41 18.33
N SER C 86 19.84 1.13 18.52
CA SER C 86 19.81 0.54 19.86
C SER C 86 20.81 1.21 20.83
N LYS C 87 22.08 1.36 20.38
CA LYS C 87 23.12 2.10 21.16
C LYS C 87 22.57 3.48 21.50
N ALA C 88 22.02 4.15 20.44
CA ALA C 88 21.55 5.52 20.66
C ALA C 88 20.52 5.55 21.80
N VAL C 89 19.67 4.54 21.89
CA VAL C 89 18.60 4.57 22.93
C VAL C 89 19.26 4.52 24.29
N VAL C 90 20.20 3.58 24.42
CA VAL C 90 20.92 3.42 25.69
C VAL C 90 21.62 4.75 26.05
N GLU C 91 22.38 5.32 25.10
CA GLU C 91 23.07 6.59 25.34
C GLU C 91 22.12 7.64 25.75
N THR C 92 20.91 7.62 25.21
CA THR C 92 19.97 8.68 25.51
C THR C 92 19.42 8.51 26.91
N VAL C 93 19.16 7.27 27.29
CA VAL C 93 18.59 7.09 28.63
C VAL C 93 19.67 7.40 29.68
N ARG C 94 20.91 7.01 29.37
CA ARG C 94 22.07 7.30 30.28
C ARG C 94 22.24 8.80 30.52
N ALA C 95 22.50 9.51 29.42
CA ALA C 95 22.66 10.96 29.44
C ALA C 95 21.59 11.72 30.29
N ASN C 96 20.43 11.10 30.53
CA ASN C 96 19.38 11.75 31.33
C ASN C 96 19.41 11.25 32.78
N GLY C 97 20.16 10.16 33.00
CA GLY C 97 20.22 9.49 34.28
C GLY C 97 18.88 9.03 34.85
N PHE C 98 17.94 8.60 34.00
CA PHE C 98 16.69 8.00 34.53
C PHE C 98 16.91 6.70 35.32
N LYS C 99 16.13 6.54 36.38
CA LYS C 99 16.13 5.33 37.19
C LYS C 99 14.66 5.02 37.51
N GLU C 100 13.86 4.90 36.45
CA GLU C 100 12.40 4.72 36.55
C GLU C 100 11.84 4.26 35.18
N ASP C 101 10.58 3.79 35.19
CA ASP C 101 9.81 3.39 34.03
C ASP C 101 9.73 4.48 32.94
N LEU C 102 10.16 4.12 31.74
CA LEU C 102 10.22 5.04 30.59
C LEU C 102 9.40 4.52 29.40
N TYR C 103 8.84 5.48 28.63
CA TYR C 103 8.41 5.23 27.26
C TYR C 103 9.38 5.96 26.36
N ILE C 104 9.92 5.26 25.36
CA ILE C 104 10.91 5.82 24.44
C ILE C 104 10.27 5.97 23.05
N ARG C 105 10.30 7.19 22.51
CA ARG C 105 9.80 7.52 21.18
C ARG C 105 10.93 7.85 20.17
N PRO C 106 11.33 6.86 19.34
CA PRO C 106 12.14 7.22 18.17
C PRO C 106 11.18 7.69 17.06
N VAL C 107 11.58 8.69 16.29
CA VAL C 107 10.78 9.16 15.18
C VAL C 107 11.72 9.49 14.04
N ALA C 108 11.44 8.97 12.84
CA ALA C 108 12.26 9.16 11.66
C ALA C 108 11.46 10.02 10.66
N TYR C 109 12.05 11.11 10.18
CA TYR C 109 11.32 12.13 9.44
C TYR C 109 12.29 12.89 8.55
N ILE C 110 11.73 13.70 7.66
CA ILE C 110 12.55 14.47 6.74
C ILE C 110 12.72 15.87 7.32
N SER C 111 13.98 16.31 7.51
CA SER C 111 14.15 17.65 8.15
C SER C 111 14.28 18.81 7.17
N LYS C 112 14.52 18.54 5.90
CA LYS C 112 14.50 19.52 4.80
C LYS C 112 13.07 20.07 4.48
N PRO C 113 12.90 21.40 4.31
CA PRO C 113 11.53 21.84 3.84
C PRO C 113 11.26 21.42 2.38
N GLN C 114 10.06 20.95 2.08
CA GLN C 114 9.75 20.55 0.69
C GLN C 114 8.26 20.43 0.48
N ILE C 115 7.77 21.22 -0.47
CA ILE C 115 6.39 21.29 -0.91
C ILE C 115 6.08 20.06 -1.81
N SER C 116 7.06 19.67 -2.64
CA SER C 116 6.87 18.59 -3.62
C SER C 116 6.60 17.22 -2.95
N LEU C 117 5.69 16.45 -3.52
CA LEU C 117 5.38 15.14 -2.96
C LEU C 117 6.45 14.18 -3.40
N ASP C 118 7.33 14.59 -4.33
CA ASP C 118 8.36 13.65 -4.80
C ASP C 118 9.47 13.58 -3.79
N VAL C 119 9.36 12.63 -2.87
CA VAL C 119 10.30 12.57 -1.76
C VAL C 119 11.43 11.58 -2.01
N ARG C 120 11.52 11.06 -3.24
CA ARG C 120 12.66 10.21 -3.63
C ARG C 120 13.99 10.92 -3.39
N GLY C 121 14.98 10.11 -2.98
CA GLY C 121 16.35 10.54 -2.78
C GLY C 121 16.60 11.12 -1.38
N LEU C 122 15.55 11.47 -0.63
CA LEU C 122 15.75 12.16 0.63
C LEU C 122 16.19 11.25 1.72
N GLN C 123 16.90 11.82 2.69
CA GLN C 123 17.47 11.01 3.71
C GLN C 123 16.85 11.43 5.07
N ALA C 124 16.40 10.46 5.85
CA ALA C 124 15.67 10.77 7.07
C ALA C 124 16.62 11.19 8.19
N SER C 125 16.11 11.99 9.10
CA SER C 125 16.72 12.16 10.39
C SER C 125 16.00 11.27 11.37
N VAL C 126 16.65 10.98 12.50
CA VAL C 126 16.01 10.23 13.55
C VAL C 126 16.18 10.98 14.84
N ALA C 127 15.13 11.08 15.62
CA ALA C 127 15.24 11.66 16.96
C ALA C 127 14.81 10.55 17.93
N ILE C 128 15.37 10.56 19.14
CA ILE C 128 14.94 9.64 20.17
C ILE C 128 14.75 10.38 21.49
N ALA C 129 13.55 10.32 22.03
CA ALA C 129 13.24 10.95 23.27
C ALA C 129 12.82 9.87 24.29
N ALA C 130 13.14 10.09 25.57
CA ALA C 130 12.79 9.09 26.57
C ALA C 130 12.03 9.77 27.67
N ILE C 131 10.99 9.17 28.15
CA ILE C 131 10.08 9.97 28.90
C ILE C 131 9.51 9.14 30.05
N PRO C 132 9.46 9.72 31.25
CA PRO C 132 8.78 9.05 32.37
C PRO C 132 7.37 8.64 31.99
N PHE C 133 6.98 7.40 32.30
CA PHE C 133 5.69 6.94 31.85
C PHE C 133 5.16 5.88 32.79
N GLY C 134 3.92 6.05 33.26
CA GLY C 134 3.30 5.02 34.06
C GLY C 134 2.34 4.20 33.25
N LYS C 135 1.10 4.03 33.74
CA LYS C 135 0.06 3.25 33.05
C LYS C 135 -0.67 4.05 31.93
N TYR C 136 -0.97 3.41 30.79
CA TYR C 136 -1.79 3.99 29.72
C TYR C 136 -3.31 3.73 29.88
N LEU C 137 -3.66 2.53 30.33
CA LEU C 137 -5.05 2.11 30.45
C LEU C 137 -5.22 1.55 31.87
N LYS C 138 -6.45 1.55 32.40
CA LYS C 138 -6.71 1.11 33.75
C LYS C 138 -6.35 -0.37 33.92
N VAL C 139 -5.38 -0.65 34.78
CA VAL C 139 -4.90 -2.02 35.03
C VAL C 139 -6.02 -3.02 35.45
N GLU C 140 -7.08 -2.55 36.12
CA GLU C 140 -8.28 -3.39 36.44
C GLU C 140 -9.27 -3.65 35.25
N GLY C 141 -9.08 -2.96 34.10
CA GLY C 141 -9.84 -3.26 32.89
C GLY C 141 -10.44 -2.03 32.26
N VAL C 142 -10.65 -2.03 30.95
CA VAL C 142 -11.16 -0.84 30.25
C VAL C 142 -12.51 -1.17 29.62
N ARG C 143 -13.27 -0.14 29.27
CA ARG C 143 -14.55 -0.29 28.53
C ARG C 143 -14.25 0.12 27.07
N ALA C 144 -14.67 -0.71 26.13
CA ALA C 144 -14.33 -0.51 24.75
C ALA C 144 -15.61 -0.45 23.92
N ALA C 145 -15.56 0.35 22.84
CA ALA C 145 -16.68 0.38 21.89
C ALA C 145 -16.14 0.13 20.49
N VAL C 146 -16.88 -0.68 19.73
CA VAL C 146 -16.61 -0.77 18.30
C VAL C 146 -16.95 0.61 17.70
N VAL C 147 -16.01 1.26 17.01
CA VAL C 147 -16.24 2.59 16.43
C VAL C 147 -16.76 2.54 14.99
N SER C 148 -17.29 3.67 14.49
CA SER C 148 -17.76 3.78 13.11
C SER C 148 -16.62 3.83 12.06
N TRP C 149 -15.46 4.32 12.48
CA TRP C 149 -14.29 4.42 11.61
C TRP C 149 -13.69 3.05 11.38
N ARG C 150 -13.47 2.71 10.10
CA ARG C 150 -12.83 1.47 9.77
C ARG C 150 -11.33 1.65 9.75
N ARG C 151 -10.60 0.59 10.07
CA ARG C 151 -9.19 0.67 10.03
C ARG C 151 -8.75 0.90 8.59
N VAL C 152 -7.73 1.70 8.36
CA VAL C 152 -7.32 1.97 7.01
C VAL C 152 -6.80 0.70 6.37
N HIS C 153 -7.05 0.60 5.08
CA HIS C 153 -6.80 -0.60 4.34
C HIS C 153 -5.51 -0.60 3.59
N THR C 154 -4.93 -1.82 3.53
CA THR C 154 -3.64 -2.06 2.91
C THR C 154 -3.54 -1.57 1.43
N SER C 155 -4.64 -1.61 0.71
CA SER C 155 -4.64 -1.20 -0.73
C SER C 155 -4.52 0.31 -0.86
N MET C 156 -4.66 1.03 0.27
CA MET C 156 -4.53 2.50 0.31
C MET C 156 -3.33 3.05 1.04
N MET C 157 -3.02 2.45 2.17
CA MET C 157 -1.87 2.88 2.96
C MET C 157 -1.24 1.64 3.53
N PRO C 158 0.06 1.66 3.72
CA PRO C 158 0.72 0.41 4.25
C PRO C 158 0.56 0.27 5.79
N VAL C 159 -0.60 -0.21 6.24
CA VAL C 159 -0.99 -0.16 7.64
C VAL C 159 -0.10 -1.09 8.49
N MET C 160 0.59 -2.04 7.89
CA MET C 160 1.53 -2.87 8.64
C MET C 160 2.74 -2.00 9.16
N ALA C 161 3.13 -0.91 8.44
CA ALA C 161 4.16 -0.04 8.93
C ALA C 161 3.66 0.88 10.08
N LYS C 162 4.55 1.19 11.04
CA LYS C 162 4.21 2.19 12.04
C LYS C 162 4.60 3.53 11.41
N ALA C 163 3.79 3.95 10.43
CA ALA C 163 4.00 5.13 9.63
C ALA C 163 3.12 6.26 10.18
N THR C 164 3.68 7.45 10.25
CA THR C 164 3.01 8.56 10.96
C THR C 164 1.66 8.93 10.38
N GLY C 165 1.58 9.08 9.05
CA GLY C 165 0.33 9.60 8.47
C GLY C 165 -0.85 8.66 8.73
N ILE C 166 -0.61 7.35 8.87
CA ILE C 166 -1.63 6.36 9.09
C ILE C 166 -2.42 6.63 10.39
N TYR C 167 -1.75 7.24 11.36
CA TYR C 167 -2.37 7.39 12.68
C TYR C 167 -3.50 8.37 12.84
N LEU C 168 -3.76 9.14 11.78
CA LEU C 168 -4.94 9.99 11.77
C LEU C 168 -6.17 9.08 11.91
N ASN C 169 -6.08 7.91 11.27
CA ASN C 169 -7.08 6.85 11.41
C ASN C 169 -7.26 6.43 12.90
N SER C 170 -6.17 6.25 13.64
CA SER C 170 -6.25 5.86 15.05
C SER C 170 -6.79 6.98 15.89
N ILE C 171 -6.39 8.19 15.56
CA ILE C 171 -6.99 9.36 16.23
C ILE C 171 -8.51 9.45 16.07
N MET C 172 -9.03 9.31 14.86
CA MET C 172 -10.48 9.39 14.68
C MET C 172 -11.13 8.35 15.60
N ALA C 173 -10.59 7.12 15.56
CA ALA C 173 -11.15 6.04 16.35
C ALA C 173 -11.09 6.37 17.87
N ALA C 174 -9.91 6.82 18.33
CA ALA C 174 -9.64 7.05 19.76
C ALA C 174 -10.58 8.13 20.28
N VAL C 175 -10.66 9.21 19.53
CA VAL C 175 -11.50 10.32 19.92
C VAL C 175 -12.96 9.88 19.94
N GLU C 176 -13.41 9.17 18.92
CA GLU C 176 -14.81 8.79 18.92
C GLU C 176 -15.17 7.95 20.15
N ALA C 177 -14.33 6.96 20.52
CA ALA C 177 -14.67 6.13 21.70
C ALA C 177 -14.70 6.98 22.96
N ARG C 178 -13.66 7.80 23.14
CA ARG C 178 -13.51 8.62 24.36
C ARG C 178 -14.69 9.61 24.47
N ALA C 179 -15.04 10.28 23.37
CA ALA C 179 -16.13 11.25 23.39
C ALA C 179 -17.43 10.58 23.80
N ARG C 180 -17.61 9.30 23.47
CA ARG C 180 -18.87 8.60 23.77
C ARG C 180 -18.81 8.01 25.20
N GLY C 181 -17.83 8.43 26.04
CA GLY C 181 -17.67 7.89 27.40
C GLY C 181 -16.76 6.64 27.63
N TYR C 182 -16.28 5.96 26.57
CA TYR C 182 -15.46 4.73 26.75
C TYR C 182 -13.95 4.98 26.88
N ASP C 183 -13.17 3.96 27.25
CA ASP C 183 -11.72 4.13 27.40
C ASP C 183 -10.95 3.94 26.13
N GLU C 184 -11.50 3.10 25.25
CA GLU C 184 -10.79 2.68 24.06
C GLU C 184 -11.68 2.22 22.94
N ALA C 185 -11.18 2.40 21.71
CA ALA C 185 -11.90 2.05 20.50
C ALA C 185 -11.48 0.65 20.08
N ILE C 186 -12.41 -0.12 19.56
CA ILE C 186 -12.05 -1.26 18.77
C ILE C 186 -12.46 -0.97 17.31
N MET C 187 -11.55 -1.21 16.40
CA MET C 187 -11.84 -0.96 14.97
C MET C 187 -12.04 -2.24 14.20
N LEU C 188 -13.02 -2.23 13.30
CA LEU C 188 -13.14 -3.24 12.29
C LEU C 188 -12.34 -2.88 11.07
N ASN C 189 -11.89 -3.87 10.31
CA ASN C 189 -11.31 -3.59 9.00
C ASN C 189 -12.41 -3.50 7.91
N ALA C 190 -11.95 -3.28 6.69
CA ALA C 190 -12.86 -3.06 5.59
C ALA C 190 -13.77 -4.28 5.37
N GLU C 191 -13.39 -5.47 5.82
CA GLU C 191 -14.16 -6.67 5.56
C GLU C 191 -15.04 -6.96 6.83
N GLY C 192 -15.07 -6.03 7.77
CA GLY C 192 -15.92 -6.21 8.95
C GLY C 192 -15.30 -7.06 10.07
N LYS C 193 -14.00 -7.40 9.97
CA LYS C 193 -13.39 -8.20 11.03
C LYS C 193 -12.85 -7.28 12.13
N VAL C 194 -12.96 -7.69 13.40
CA VAL C 194 -12.34 -6.99 14.51
C VAL C 194 -10.85 -7.02 14.34
N VAL C 195 -10.17 -5.90 14.32
CA VAL C 195 -8.71 -6.00 14.12
C VAL C 195 -7.78 -5.42 15.18
N GLU C 196 -8.17 -4.32 15.81
CA GLU C 196 -7.16 -3.54 16.52
C GLU C 196 -7.86 -2.51 17.38
N GLY C 197 -7.22 -2.12 18.50
CA GLY C 197 -7.58 -0.93 19.19
C GLY C 197 -6.93 0.23 18.45
N SER C 198 -7.23 1.46 18.87
CA SER C 198 -6.52 2.62 18.31
C SER C 198 -5.00 2.55 18.47
N GLY C 199 -4.52 2.00 19.58
CA GLY C 199 -3.05 1.76 19.72
C GLY C 199 -2.67 0.45 20.42
N GLU C 200 -3.39 -0.62 20.11
CA GLU C 200 -3.24 -1.87 20.80
C GLU C 200 -3.56 -3.00 19.83
N ASN C 201 -2.96 -4.18 20.04
CA ASN C 201 -3.45 -5.37 19.40
C ASN C 201 -4.52 -5.95 20.31
N ILE C 202 -5.35 -6.83 19.81
CA ILE C 202 -6.42 -7.32 20.64
C ILE C 202 -6.45 -8.86 20.71
N PHE C 203 -6.79 -9.42 21.89
CA PHE C 203 -6.97 -10.84 22.07
C PHE C 203 -8.34 -11.14 22.65
N ILE C 204 -8.93 -12.23 22.24
CA ILE C 204 -10.05 -12.76 23.02
C ILE C 204 -9.76 -14.19 23.44
N VAL C 205 -10.52 -14.67 24.44
CA VAL C 205 -10.51 -16.07 24.84
C VAL C 205 -11.88 -16.69 24.66
N ARG C 206 -11.92 -17.82 23.97
CA ARG C 206 -13.19 -18.55 23.75
C ARG C 206 -12.98 -20.04 24.04
N ARG C 207 -13.69 -20.57 25.05
CA ARG C 207 -13.56 -21.96 25.54
C ARG C 207 -12.10 -22.26 25.81
N GLY C 208 -11.40 -21.42 26.58
CA GLY C 208 -9.98 -21.62 26.87
C GLY C 208 -8.98 -21.55 25.72
N VAL C 209 -9.43 -21.23 24.49
CA VAL C 209 -8.53 -20.91 23.33
C VAL C 209 -8.30 -19.39 23.18
N LEU C 210 -7.07 -18.97 23.07
CA LEU C 210 -6.69 -17.59 22.89
C LEU C 210 -6.69 -17.29 21.36
N MET C 211 -7.39 -16.24 20.96
CA MET C 211 -7.53 -15.82 19.57
C MET C 211 -7.08 -14.38 19.35
N THR C 212 -6.33 -14.15 18.26
CA THR C 212 -5.93 -12.80 17.89
C THR C 212 -5.97 -12.70 16.33
N PRO C 213 -6.46 -11.58 15.77
CA PRO C 213 -6.47 -11.41 14.31
C PRO C 213 -5.08 -11.65 13.70
N PRO C 214 -5.05 -12.28 12.54
CA PRO C 214 -3.77 -12.52 11.83
C PRO C 214 -3.23 -11.27 11.17
N LEU C 215 -1.96 -11.27 10.83
CA LEU C 215 -1.36 -10.09 10.23
C LEU C 215 -2.08 -9.61 8.97
N GLU C 216 -2.42 -10.58 8.11
CA GLU C 216 -3.05 -10.19 6.85
C GLU C 216 -4.40 -9.43 6.99
N ASP C 217 -5.02 -9.42 8.17
CA ASP C 217 -6.24 -8.65 8.40
C ASP C 217 -6.02 -7.14 8.40
N GLY C 218 -4.77 -6.72 8.43
CA GLY C 218 -4.41 -5.32 8.29
C GLY C 218 -4.18 -4.69 9.62
N ILE C 219 -3.19 -5.20 10.34
CA ILE C 219 -2.89 -4.70 11.67
C ILE C 219 -1.42 -4.44 11.75
N LEU C 220 -1.04 -3.70 12.79
CA LEU C 220 0.36 -3.54 13.15
C LEU C 220 0.91 -4.86 13.75
N GLU C 221 2.07 -5.30 13.29
CA GLU C 221 2.66 -6.58 13.80
C GLU C 221 3.31 -6.30 15.18
N GLY C 222 2.50 -6.28 16.25
CA GLY C 222 2.93 -5.74 17.54
C GLY C 222 3.98 -6.63 18.23
N ILE C 223 4.94 -6.04 18.91
CA ILE C 223 5.94 -6.78 19.65
C ILE C 223 5.37 -7.33 20.95
N THR C 224 4.41 -6.65 21.55
CA THR C 224 3.72 -7.23 22.69
C THR C 224 2.91 -8.44 22.29
N ARG C 225 2.20 -8.31 21.17
CA ARG C 225 1.46 -9.41 20.55
C ARG C 225 2.37 -10.63 20.45
N GLU C 226 3.57 -10.41 19.87
CA GLU C 226 4.51 -11.50 19.68
C GLU C 226 4.95 -12.10 21.04
N THR C 227 5.26 -11.23 21.98
CA THR C 227 5.55 -11.62 23.32
C THR C 227 4.45 -12.47 23.93
N VAL C 228 3.19 -12.09 23.78
CA VAL C 228 2.07 -12.87 24.34
C VAL C 228 1.92 -14.23 23.63
N ILE C 229 2.24 -14.31 22.34
CA ILE C 229 2.24 -15.59 21.69
C ILE C 229 3.27 -16.59 22.36
N SER C 230 4.50 -16.13 22.62
CA SER C 230 5.50 -16.91 23.39
C SER C 230 5.02 -17.24 24.78
N ILE C 231 4.42 -16.26 25.44
CA ILE C 231 3.91 -16.50 26.79
C ILE C 231 2.87 -17.59 26.76
N ALA C 232 1.96 -17.55 25.82
CA ALA C 232 0.96 -18.61 25.74
C ALA C 232 1.55 -20.00 25.55
N GLY C 233 2.63 -20.09 24.74
CA GLY C 233 3.45 -21.31 24.55
C GLY C 233 3.94 -21.84 25.91
N ASP C 234 4.58 -20.98 26.68
CA ASP C 234 5.06 -21.29 28.04
C ASP C 234 3.98 -21.80 28.92
N LEU C 235 2.82 -21.16 28.89
CA LEU C 235 1.75 -21.47 29.85
C LEU C 235 0.88 -22.60 29.41
N GLY C 236 1.14 -23.13 28.21
CA GLY C 236 0.22 -24.16 27.66
C GLY C 236 -1.20 -23.69 27.33
N ILE C 237 -1.34 -22.43 26.93
CA ILE C 237 -2.63 -21.89 26.44
C ILE C 237 -2.68 -21.92 24.91
N PRO C 238 -3.57 -22.73 24.36
CA PRO C 238 -3.63 -22.91 22.88
C PRO C 238 -4.01 -21.52 22.25
N LEU C 239 -3.40 -21.16 21.13
CA LEU C 239 -3.51 -19.83 20.52
C LEU C 239 -3.72 -19.94 19.04
N LEU C 240 -4.75 -19.27 18.54
CA LEU C 240 -5.01 -19.23 17.13
C LEU C 240 -4.95 -17.78 16.59
N GLU C 241 -4.21 -17.62 15.51
CA GLU C 241 -4.18 -16.36 14.78
C GLU C 241 -5.25 -16.51 13.73
N LYS C 242 -6.41 -15.96 14.02
CA LYS C 242 -7.59 -16.28 13.24
C LYS C 242 -8.44 -15.00 13.19
N SER C 243 -9.15 -14.73 12.08
CA SER C 243 -10.11 -13.60 12.07
C SER C 243 -11.16 -13.66 13.17
N ILE C 244 -11.50 -12.50 13.73
CA ILE C 244 -12.47 -12.38 14.80
C ILE C 244 -13.59 -11.49 14.30
N THR C 245 -14.81 -11.94 14.49
CA THR C 245 -15.94 -11.12 14.16
C THR C 245 -16.48 -10.51 15.45
N ARG C 246 -17.24 -9.45 15.28
CA ARG C 246 -17.98 -8.81 16.38
C ARG C 246 -18.89 -9.77 17.15
N GLU C 247 -19.59 -10.72 16.50
CA GLU C 247 -20.37 -11.71 17.29
C GLU C 247 -19.43 -12.49 18.31
N GLU C 248 -18.24 -12.86 17.88
CA GLU C 248 -17.33 -13.62 18.72
C GLU C 248 -16.81 -12.78 19.87
N LEU C 249 -16.67 -11.48 19.61
CA LEU C 249 -16.24 -10.55 20.58
C LEU C 249 -17.38 -10.42 21.60
N TYR C 250 -18.60 -10.25 21.16
CA TYR C 250 -19.73 -10.18 22.12
C TYR C 250 -19.86 -11.41 23.01
N ALA C 251 -19.58 -12.54 22.42
CA ALA C 251 -19.69 -13.84 23.09
C ALA C 251 -18.40 -14.32 23.77
N ALA C 252 -17.34 -13.52 23.82
CA ALA C 252 -16.09 -14.01 24.30
C ALA C 252 -16.21 -14.30 25.78
N ASP C 253 -15.46 -15.30 26.29
CA ASP C 253 -15.28 -15.50 27.75
C ASP C 253 -14.45 -14.38 28.35
N GLU C 254 -13.37 -13.94 27.66
CA GLU C 254 -12.52 -12.85 28.15
C GLU C 254 -11.98 -12.07 26.93
N ALA C 255 -11.40 -10.88 27.15
CA ALA C 255 -10.76 -10.15 26.07
C ALA C 255 -9.76 -9.19 26.63
N PHE C 256 -8.70 -8.85 25.90
CA PHE C 256 -7.77 -7.87 26.45
C PHE C 256 -7.00 -7.21 25.34
N PHE C 257 -6.47 -6.04 25.63
CA PHE C 257 -5.64 -5.34 24.71
C PHE C 257 -4.20 -5.55 25.12
N VAL C 258 -3.26 -5.44 24.16
CA VAL C 258 -1.84 -5.46 24.44
C VAL C 258 -1.13 -4.45 23.60
N GLY C 259 -0.04 -3.94 24.13
CA GLY C 259 0.83 -3.03 23.36
C GLY C 259 1.89 -2.52 24.28
N THR C 260 2.93 -1.90 23.73
CA THR C 260 4.01 -1.42 24.55
C THR C 260 3.48 -0.50 25.63
N ALA C 261 2.73 0.54 25.25
CA ALA C 261 2.20 1.47 26.23
C ALA C 261 1.13 0.81 27.06
N ALA C 262 0.23 0.08 26.40
CA ALA C 262 -0.93 -0.47 27.10
C ALA C 262 -0.60 -1.66 27.99
N GLU C 263 0.57 -2.26 27.74
CA GLU C 263 0.96 -3.50 28.47
C GLU C 263 -0.07 -4.61 28.21
N ILE C 264 -0.57 -5.24 29.27
CA ILE C 264 -1.63 -6.24 29.11
C ILE C 264 -2.83 -5.74 29.89
N THR C 265 -3.90 -5.32 29.22
CA THR C 265 -5.04 -4.68 29.83
C THR C 265 -6.32 -5.41 29.51
N PRO C 266 -7.01 -5.87 30.56
CA PRO C 266 -8.29 -6.57 30.30
C PRO C 266 -9.36 -5.62 29.76
N ILE C 267 -10.29 -6.17 29.01
CA ILE C 267 -11.44 -5.45 28.54
C ILE C 267 -12.66 -5.97 29.31
N ILE C 268 -13.26 -5.13 30.17
CA ILE C 268 -14.36 -5.57 31.01
C ILE C 268 -15.73 -5.20 30.50
N GLU C 269 -15.74 -4.48 29.37
CA GLU C 269 -17.02 -4.18 28.72
C GLU C 269 -16.81 -3.89 27.23
N ILE C 270 -17.65 -4.49 26.39
CA ILE C 270 -17.67 -4.17 24.99
C ILE C 270 -19.07 -3.82 24.56
N ASP C 271 -19.23 -2.58 24.08
CA ASP C 271 -20.56 -2.04 23.64
C ASP C 271 -21.70 -2.40 24.65
N GLY C 272 -21.48 -2.06 25.92
CA GLY C 272 -22.40 -2.40 26.99
C GLY C 272 -22.42 -3.85 27.45
N ARG C 273 -21.81 -4.80 26.72
CA ARG C 273 -21.78 -6.17 27.21
C ARG C 273 -20.62 -6.39 28.19
N VAL C 274 -20.95 -6.79 29.43
CA VAL C 274 -19.96 -6.95 30.51
C VAL C 274 -19.11 -8.21 30.32
N LEU C 275 -17.80 -8.11 30.52
CA LEU C 275 -16.98 -9.32 30.53
C LEU C 275 -16.19 -9.39 31.82
N GLN C 276 -16.05 -10.62 32.34
CA GLN C 276 -15.20 -10.89 33.52
C GLN C 276 -13.73 -10.42 33.26
N ARG C 277 -13.07 -9.84 34.24
CA ARG C 277 -11.62 -9.77 34.16
C ARG C 277 -11.14 -11.26 34.37
N GLY C 278 -10.69 -11.94 33.34
CA GLY C 278 -10.65 -13.39 33.36
C GLY C 278 -9.32 -14.03 33.82
N PRO C 279 -9.36 -15.36 34.03
CA PRO C 279 -8.17 -16.00 34.58
C PRO C 279 -6.95 -16.06 33.60
N ILE C 280 -7.18 -16.35 32.30
CA ILE C 280 -6.07 -16.34 31.32
C ILE C 280 -5.40 -14.99 31.18
N THR C 281 -6.22 -13.94 31.08
CA THR C 281 -5.71 -12.57 31.02
C THR C 281 -4.80 -12.31 32.20
N GLN C 282 -5.34 -12.55 33.39
CA GLN C 282 -4.53 -12.41 34.60
C GLN C 282 -3.16 -13.16 34.57
N LYS C 283 -3.20 -14.45 34.23
CA LYS C 283 -1.95 -15.24 34.13
C LYS C 283 -0.96 -14.61 33.11
N ILE C 284 -1.48 -14.18 31.94
CA ILE C 284 -0.65 -13.56 30.93
C ILE C 284 -0.07 -12.21 31.42
N ALA C 285 -0.90 -11.41 32.12
CA ALA C 285 -0.45 -10.12 32.62
C ALA C 285 0.68 -10.34 33.66
N GLU C 286 0.44 -11.26 34.60
CA GLU C 286 1.47 -11.64 35.65
C GLU C 286 2.74 -12.16 35.00
N THR C 287 2.63 -13.03 34.00
CA THR C 287 3.85 -13.52 33.36
C THR C 287 4.61 -12.37 32.64
N TYR C 288 3.87 -11.52 31.92
CA TYR C 288 4.48 -10.44 31.16
C TYR C 288 5.27 -9.51 32.12
N ARG C 289 4.61 -9.12 33.24
CA ARG C 289 5.31 -8.35 34.31
C ARG C 289 6.62 -9.06 34.79
N ARG C 290 6.53 -10.37 35.07
CA ARG C 290 7.76 -11.09 35.53
C ARG C 290 8.81 -10.97 34.42
N ILE C 291 8.39 -11.19 33.15
CA ILE C 291 9.36 -11.13 32.08
C ILE C 291 10.04 -9.79 32.01
N VAL C 292 9.26 -8.71 32.09
CA VAL C 292 9.85 -7.39 31.85
C VAL C 292 10.70 -6.91 33.02
N LEU C 293 10.38 -7.38 34.21
CA LEU C 293 11.17 -7.05 35.39
C LEU C 293 12.44 -7.92 35.56
N GLY C 294 12.71 -8.82 34.61
CA GLY C 294 13.91 -9.66 34.74
C GLY C 294 13.89 -10.91 35.64
N LYS C 295 12.70 -11.34 36.09
CA LYS C 295 12.55 -12.60 36.83
C LYS C 295 12.44 -13.89 35.98
N GLU C 296 12.58 -13.82 34.64
CA GLU C 296 12.45 -15.05 33.83
C GLU C 296 13.58 -15.23 32.87
N GLU C 297 14.37 -16.26 33.20
CA GLU C 297 15.71 -16.46 32.73
C GLU C 297 15.79 -16.66 31.24
N LYS C 298 14.83 -17.48 30.76
CA LYS C 298 14.62 -17.74 29.33
C LYS C 298 14.68 -16.42 28.51
N TYR C 299 14.12 -15.32 29.07
CA TYR C 299 13.87 -14.07 28.32
C TYR C 299 14.86 -12.97 28.54
N LEU C 300 15.85 -13.20 29.38
CA LEU C 300 16.84 -12.19 29.69
C LEU C 300 17.50 -11.58 28.42
N PRO C 301 17.67 -12.39 27.36
CA PRO C 301 18.23 -11.76 26.13
C PRO C 301 17.32 -10.67 25.50
N TRP C 302 16.09 -10.55 25.93
CA TRP C 302 15.22 -9.44 25.50
C TRP C 302 15.33 -8.19 26.36
N LEU C 303 16.11 -8.24 27.46
CA LEU C 303 16.27 -7.04 28.28
C LEU C 303 17.64 -6.42 28.04
N THR C 304 17.69 -5.12 27.70
CA THR C 304 18.99 -4.41 27.55
C THR C 304 19.17 -3.55 28.80
N PRO C 305 20.23 -3.85 29.61
CA PRO C 305 20.50 -3.04 30.80
C PRO C 305 21.02 -1.67 30.31
N VAL C 306 20.50 -0.60 30.92
CA VAL C 306 21.03 0.72 30.65
C VAL C 306 22.38 0.94 31.37
N TYR C 307 22.40 0.64 32.66
CA TYR C 307 23.63 0.83 33.46
C TYR C 307 24.52 -0.45 33.50
N1 PLP D . -0.88 -18.69 -12.83
C2 PLP D . -1.39 -18.52 -14.08
C2A PLP D . -2.25 -17.32 -14.26
C3 PLP D . -1.02 -19.46 -15.18
O3 PLP D . -1.46 -19.34 -16.48
C4 PLP D . -0.11 -20.60 -14.84
C4A PLP D . 0.28 -21.60 -15.91
C5 PLP D . 0.35 -20.66 -13.43
C6 PLP D . -0.07 -19.70 -12.50
C5A PLP D . 1.28 -21.74 -12.93
O4P PLP D . 0.63 -22.99 -12.96
P PLP D . 1.52 -24.27 -13.28
O1P PLP D . 2.15 -23.86 -14.59
O2P PLP D . 2.52 -24.34 -12.16
O3P PLP D . 0.50 -25.37 -13.31
N1 PY5 E . -0.71 -18.23 -12.36
C2 PY5 E . -0.94 -17.87 -13.65
C2A PY5 E . -1.75 -16.64 -13.94
C3 PY5 E . -0.30 -18.67 -14.76
O3 PY5 E . -0.44 -18.33 -16.08
C4 PY5 E . 0.53 -19.87 -14.36
C4A PY5 E . 1.22 -20.74 -15.40
C5 PY5 E . 0.64 -20.15 -12.91
C6 PY5 E . 0.01 -19.31 -12.00
C5A PY5 E . 1.46 -21.36 -12.45
O4P PY5 E . 0.88 -22.54 -13.01
P PY5 E . 1.67 -23.93 -13.21
O1P PY5 E . 2.38 -23.77 -14.53
O2P PY5 E . 2.69 -23.96 -12.11
O3P PY5 E . 0.57 -24.97 -13.15
N PY5 E . 0.44 -20.58 -16.59
CA PY5 E . 1.14 -20.28 -17.82
C PY5 E . 2.20 -21.36 -17.86
O PY5 E . 1.74 -22.24 -18.57
CB PY5 E . 1.45 -18.76 -18.02
CG PY5 E . 0.84 -18.25 -19.34
CD PY5 E . 1.90 -18.42 -20.42
OXT PY5 E . 3.32 -21.43 -17.25
N1 PLP F . -6.65 17.09 -4.91
C2 PLP F . -5.86 16.94 -3.81
C2A PLP F . -5.63 15.58 -3.21
C3 PLP F . -5.24 18.12 -3.17
O3 PLP F . -4.44 17.99 -2.09
C4 PLP F . -5.47 19.45 -3.76
C4A PLP F . -4.82 20.66 -3.13
C5 PLP F . -6.34 19.51 -4.96
C6 PLP F . -6.88 18.30 -5.45
C5A PLP F . -6.63 20.82 -5.68
O4P PLP F . -7.09 21.87 -4.83
P PLP F . -6.92 23.37 -5.33
O1P PLP F . -7.29 23.41 -6.78
O2P PLP F . -5.42 23.53 -5.16
O3P PLP F . -7.80 24.03 -4.32
N1 PY5 G . -6.19 17.01 -4.91
C2 PY5 G . -5.07 16.99 -4.12
C2A PY5 G . -4.73 15.71 -3.40
C3 PY5 G . -4.20 18.18 -3.96
O3 PY5 G . -3.08 18.16 -3.16
C4 PY5 G . -4.63 19.40 -4.71
C4A PY5 G . -3.87 20.71 -4.68
C5 PY5 G . -5.86 19.32 -5.56
C6 PY5 G . -6.58 18.11 -5.60
C5A PY5 G . -6.28 20.58 -6.31
O4P PY5 G . -6.57 21.51 -5.25
P PY5 G . -6.75 23.11 -5.38
O1P PY5 G . -7.37 23.34 -6.73
O2P PY5 G . -5.29 23.48 -5.40
O3P PY5 G . -7.53 23.43 -4.13
N PY5 G . -3.22 20.75 -3.39
CA PY5 G . -1.79 20.84 -3.46
C PY5 G . -1.61 22.09 -4.29
O PY5 G . -1.61 22.22 -5.54
CB PY5 G . -1.16 19.50 -3.93
CG PY5 G . -0.08 18.97 -2.97
CD PY5 G . 1.23 19.58 -3.39
OXT PY5 G . -1.51 23.03 -3.54
N1 PLP H . -1.36 -1.26 17.08
C2 PLP H . -0.99 0.01 16.68
C2A PLP H . -1.88 0.73 15.68
C3 PLP H . 0.27 0.65 17.20
O3 PLP H . 0.69 1.92 16.87
C4 PLP H . 1.09 -0.13 18.16
C4A PLP H . 2.36 0.48 18.71
C5 PLP H . 0.57 -1.48 18.52
C6 PLP H . -0.63 -1.97 17.95
C5A PLP H . 1.32 -2.38 19.48
O4P PLP H . 2.64 -2.61 18.96
P PLP H . 3.85 -3.04 19.95
O1P PLP H . 3.80 -2.00 21.05
O2P PLP H . 3.54 -4.42 20.46
O3P PLP H . 4.99 -2.92 18.99
N1 PY5 I . -1.55 -1.35 17.17
C2 PY5 I . -1.38 0.01 17.06
C2A PY5 I . -2.25 0.73 16.04
C3 PY5 I . -0.38 0.75 17.91
O3 PY5 I . -0.19 2.11 17.82
C4 PY5 I . 0.42 -0.04 18.89
C4A PY5 I . 1.48 0.54 19.84
C5 PY5 I . 0.11 -1.51 18.90
C6 PY5 I . -0.85 -2.07 18.04
C5A PY5 I . 0.89 -2.44 19.81
O4P PY5 I . 2.21 -2.63 19.26
P PY5 I . 3.49 -2.89 20.23
O1P PY5 I . 3.68 -1.54 20.96
O2P PY5 I . 2.99 -4.00 21.13
O3P PY5 I . 4.62 -3.21 19.27
N PY5 I . 1.92 1.91 19.63
CA PY5 I . 1.98 2.77 20.82
C PY5 I . 2.30 1.78 21.89
O PY5 I . 1.55 1.13 22.66
CB PY5 I . 0.77 3.75 21.12
CG PY5 I . 1.03 5.28 21.18
CD PY5 I . 0.94 5.83 22.60
OXT PY5 I . 3.45 1.60 21.85
#